data_7ECJ
# 
_entry.id   7ECJ 
# 
_audit_conform.dict_name       mmcif_pdbx.dic 
_audit_conform.dict_version    5.392 
_audit_conform.dict_location   http://mmcif.pdb.org/dictionaries/ascii/mmcif_pdbx.dic 
# 
loop_
_database_2.database_id 
_database_2.database_code 
_database_2.pdbx_database_accession 
_database_2.pdbx_DOI 
PDB   7ECJ         pdb_00007ecj 10.2210/pdb7ecj/pdb 
WWPDB D_1300021140 ?            ?                   
# 
loop_
_pdbx_audit_revision_history.ordinal 
_pdbx_audit_revision_history.data_content_type 
_pdbx_audit_revision_history.major_revision 
_pdbx_audit_revision_history.minor_revision 
_pdbx_audit_revision_history.revision_date 
1 'Structure model' 1 0 2022-03-16 
2 'Structure model' 1 1 2024-05-29 
# 
_pdbx_audit_revision_details.ordinal             1 
_pdbx_audit_revision_details.revision_ordinal    1 
_pdbx_audit_revision_details.data_content_type   'Structure model' 
_pdbx_audit_revision_details.provider            repository 
_pdbx_audit_revision_details.type                'Initial release' 
_pdbx_audit_revision_details.description         ? 
_pdbx_audit_revision_details.details             ? 
# 
_pdbx_audit_revision_group.ordinal             1 
_pdbx_audit_revision_group.revision_ordinal    2 
_pdbx_audit_revision_group.data_content_type   'Structure model' 
_pdbx_audit_revision_group.group               'Data collection' 
# 
loop_
_pdbx_audit_revision_category.ordinal 
_pdbx_audit_revision_category.revision_ordinal 
_pdbx_audit_revision_category.data_content_type 
_pdbx_audit_revision_category.category 
1 2 'Structure model' chem_comp_atom 
2 2 'Structure model' chem_comp_bond 
# 
_pdbx_database_status.status_code                     REL 
_pdbx_database_status.status_code_sf                  REL 
_pdbx_database_status.status_code_mr                  ? 
_pdbx_database_status.entry_id                        7ECJ 
_pdbx_database_status.recvd_initial_deposition_date   2021-03-12 
_pdbx_database_status.SG_entry                        N 
_pdbx_database_status.deposit_site                    PDBJ 
_pdbx_database_status.process_site                    PDBJ 
_pdbx_database_status.status_code_cs                  ? 
_pdbx_database_status.status_code_nmr_data            ? 
_pdbx_database_status.methods_development_category    ? 
_pdbx_database_status.pdb_format_compatible           Y 
# 
loop_
_audit_author.name 
_audit_author.pdbx_ordinal 
_audit_author.identifier_ORCID 
'Kondo, J.'  1 0000-0002-5682-3685 
'Uchida, Y.' 2 ?                   
# 
_citation.abstract                  ? 
_citation.abstract_id_CAS           ? 
_citation.book_id_ISBN              ? 
_citation.book_publisher            ? 
_citation.book_publisher_city       ? 
_citation.book_title                ? 
_citation.coordinate_linkage        ? 
_citation.country                   ? 
_citation.database_id_Medline       ? 
_citation.details                   ? 
_citation.id                        primary 
_citation.journal_abbrev            'To Be Published' 
_citation.journal_id_ASTM           ? 
_citation.journal_id_CSD            0353 
_citation.journal_id_ISSN           ? 
_citation.journal_full              ? 
_citation.journal_issue             ? 
_citation.journal_volume            ? 
_citation.language                  ? 
_citation.page_first                ? 
_citation.page_last                 ? 
_citation.title                     'RNA duplex containing C-A base pairs' 
_citation.year                      ? 
_citation.database_id_CSD           ? 
_citation.pdbx_database_id_DOI      ? 
_citation.pdbx_database_id_PubMed   ? 
_citation.pdbx_database_id_patent   ? 
_citation.unpublished_flag          ? 
# 
loop_
_citation_author.citation_id 
_citation_author.name 
_citation_author.ordinal 
_citation_author.identifier_ORCID 
primary 'Kondo, J.'  1 0000-0002-5682-3685 
primary 'Uchida, Y.' 2 ?                   
# 
_entity.id                         1 
_entity.type                       polymer 
_entity.src_method                 syn 
_entity.pdbx_description           
;DNA/RNA (5'-R(*GP*GP*AP*CP*U)-D(P*(CBR))-R(P*GP*AP*AP*UP*CP*C)-3')
;
_entity.formula_weight             3874.232 
_entity.pdbx_number_of_molecules   3 
_entity.pdbx_ec                    ? 
_entity.pdbx_mutation              ? 
_entity.pdbx_fragment              ? 
_entity.details                    ? 
# 
_entity_poly.entity_id                      1 
_entity_poly.type                           polyribonucleotide 
_entity_poly.nstd_linkage                   no 
_entity_poly.nstd_monomer                   yes 
_entity_poly.pdbx_seq_one_letter_code       'GGACU(CBR)GAAUCC' 
_entity_poly.pdbx_seq_one_letter_code_can   GGACUCGAAUCC 
_entity_poly.pdbx_strand_id                 A,B,C 
_entity_poly.pdbx_target_identifier         ? 
# 
loop_
_entity_poly_seq.entity_id 
_entity_poly_seq.num 
_entity_poly_seq.mon_id 
_entity_poly_seq.hetero 
1 1  G   n 
1 2  G   n 
1 3  A   n 
1 4  C   n 
1 5  U   n 
1 6  CBR n 
1 7  G   n 
1 8  A   n 
1 9  A   n 
1 10 U   n 
1 11 C   n 
1 12 C   n 
# 
_pdbx_entity_src_syn.entity_id              1 
_pdbx_entity_src_syn.pdbx_src_id            1 
_pdbx_entity_src_syn.pdbx_alt_source_flag   sample 
_pdbx_entity_src_syn.pdbx_beg_seq_num       1 
_pdbx_entity_src_syn.pdbx_end_seq_num       12 
_pdbx_entity_src_syn.organism_scientific    'synthetic construct' 
_pdbx_entity_src_syn.organism_common_name   ? 
_pdbx_entity_src_syn.ncbi_taxonomy_id       32630 
_pdbx_entity_src_syn.details                ? 
# 
loop_
_chem_comp.id 
_chem_comp.type 
_chem_comp.mon_nstd_flag 
_chem_comp.name 
_chem_comp.pdbx_synonyms 
_chem_comp.formula 
_chem_comp.formula_weight 
A   'RNA linking' y "ADENOSINE-5'-MONOPHOSPHATE"                 ? 'C10 H14 N5 O7 P'   347.221 
C   'RNA linking' y "CYTIDINE-5'-MONOPHOSPHATE"                  ? 'C9 H14 N3 O8 P'    323.197 
CBR 'DNA linking' n "5-BROMO-2'-DEOXY-CYTIDINE-5'-MONOPHOSPHATE" ? 'C9 H13 Br N3 O7 P' 386.093 
G   'RNA linking' y "GUANOSINE-5'-MONOPHOSPHATE"                 ? 'C10 H14 N5 O8 P'   363.221 
U   'RNA linking' y "URIDINE-5'-MONOPHOSPHATE"                   ? 'C9 H13 N2 O9 P'    324.181 
# 
loop_
_pdbx_poly_seq_scheme.asym_id 
_pdbx_poly_seq_scheme.entity_id 
_pdbx_poly_seq_scheme.seq_id 
_pdbx_poly_seq_scheme.mon_id 
_pdbx_poly_seq_scheme.ndb_seq_num 
_pdbx_poly_seq_scheme.pdb_seq_num 
_pdbx_poly_seq_scheme.auth_seq_num 
_pdbx_poly_seq_scheme.pdb_mon_id 
_pdbx_poly_seq_scheme.auth_mon_id 
_pdbx_poly_seq_scheme.pdb_strand_id 
_pdbx_poly_seq_scheme.pdb_ins_code 
_pdbx_poly_seq_scheme.hetero 
A 1 1  G   1  1  1  G   G   A . n 
A 1 2  G   2  2  2  G   G   A . n 
A 1 3  A   3  3  3  A   A   A . n 
A 1 4  C   4  4  4  C   C   A . n 
A 1 5  U   5  5  5  U   U   A . n 
A 1 6  CBR 6  6  6  CBR C32 A . n 
A 1 7  G   7  7  7  G   G   A . n 
A 1 8  A   8  8  8  A   A   A . n 
A 1 9  A   9  9  9  A   A   A . n 
A 1 10 U   10 10 10 U   U   A . n 
A 1 11 C   11 11 11 C   C   A . n 
A 1 12 C   12 12 12 C   C   A . n 
B 1 1  G   1  1  1  G   G   B . n 
B 1 2  G   2  2  2  G   G   B . n 
B 1 3  A   3  3  3  A   A   B . n 
B 1 4  C   4  4  4  C   C   B . n 
B 1 5  U   5  5  5  U   U   B . n 
B 1 6  CBR 6  6  6  CBR C32 B . n 
B 1 7  G   7  7  7  G   G   B . n 
B 1 8  A   8  8  8  A   A   B . n 
B 1 9  A   9  9  9  A   A   B . n 
B 1 10 U   10 10 10 U   U   B . n 
B 1 11 C   11 11 11 C   C   B . n 
B 1 12 C   12 12 12 C   C   B . n 
C 1 1  G   1  1  1  G   G   C . n 
C 1 2  G   2  2  2  G   G   C . n 
C 1 3  A   3  3  3  A   A   C . n 
C 1 4  C   4  4  4  C   C   C . n 
C 1 5  U   5  5  5  U   U   C . n 
C 1 6  CBR 6  6  6  CBR C32 C . n 
C 1 7  G   7  7  7  G   G   C . n 
C 1 8  A   8  8  8  A   A   C . n 
C 1 9  A   9  9  9  A   A   C . n 
C 1 10 U   10 10 10 U   U   C . n 
C 1 11 C   11 11 11 C   C   C . n 
C 1 12 C   12 12 12 C   C   C . n 
# 
loop_
_software.citation_id 
_software.classification 
_software.compiler_name 
_software.compiler_version 
_software.contact_author 
_software.contact_author_email 
_software.date 
_software.description 
_software.dependencies 
_software.hardware 
_software.language 
_software.location 
_software.mods 
_software.name 
_software.os 
_software.os_version 
_software.type 
_software.version 
_software.pdbx_ordinal 
? refinement       ? ? ? ? ? ? ? ? ? ? ? PHENIX ? ? ? 1.17.1 1 
? 'data scaling'   ? ? ? ? ? ? ? ? ? ? ? XSCALE ? ? ? .      2 
? 'data reduction' ? ? ? ? ? ? ? ? ? ? ? XDS    ? ? ? .      3 
? phasing          ? ? ? ? ? ? ? ? ? ? ? PHASER ? ? ? .      4 
# 
_cell.angle_alpha                  90.000 
_cell.angle_alpha_esd              ? 
_cell.angle_beta                   90.000 
_cell.angle_beta_esd               ? 
_cell.angle_gamma                  120.000 
_cell.angle_gamma_esd              ? 
_cell.entry_id                     7ECJ 
_cell.details                      ? 
_cell.formula_units_Z              ? 
_cell.length_a                     47.780 
_cell.length_a_esd                 ? 
_cell.length_b                     47.780 
_cell.length_b_esd                 ? 
_cell.length_c                     186.215 
_cell.length_c_esd                 ? 
_cell.volume                       ? 
_cell.volume_esd                   ? 
_cell.Z_PDB                        36 
_cell.reciprocal_angle_alpha       ? 
_cell.reciprocal_angle_beta        ? 
_cell.reciprocal_angle_gamma       ? 
_cell.reciprocal_angle_alpha_esd   ? 
_cell.reciprocal_angle_beta_esd    ? 
_cell.reciprocal_angle_gamma_esd   ? 
_cell.reciprocal_length_a          ? 
_cell.reciprocal_length_b          ? 
_cell.reciprocal_length_c          ? 
_cell.reciprocal_length_a_esd      ? 
_cell.reciprocal_length_b_esd      ? 
_cell.reciprocal_length_c_esd      ? 
_cell.pdbx_unique_axis             ? 
# 
_symmetry.entry_id                         7ECJ 
_symmetry.cell_setting                     ? 
_symmetry.Int_Tables_number                182 
_symmetry.space_group_name_Hall            ? 
_symmetry.space_group_name_H-M             'P 63 2 2' 
_symmetry.pdbx_full_space_group_name_H-M   ? 
# 
_exptl.absorpt_coefficient_mu     ? 
_exptl.absorpt_correction_T_max   ? 
_exptl.absorpt_correction_T_min   ? 
_exptl.absorpt_correction_type    ? 
_exptl.absorpt_process_details    ? 
_exptl.entry_id                   7ECJ 
_exptl.crystals_number            1 
_exptl.details                    ? 
_exptl.method                     'X-RAY DIFFRACTION' 
_exptl.method_details             ? 
# 
_exptl_crystal.colour                      ? 
_exptl_crystal.density_diffrn              ? 
_exptl_crystal.density_Matthews            2.64 
_exptl_crystal.density_method              ? 
_exptl_crystal.density_percent_sol         53.40 
_exptl_crystal.description                 ? 
_exptl_crystal.F_000                       ? 
_exptl_crystal.id                          1 
_exptl_crystal.preparation                 ? 
_exptl_crystal.size_max                    ? 
_exptl_crystal.size_mid                    ? 
_exptl_crystal.size_min                    ? 
_exptl_crystal.size_rad                    ? 
_exptl_crystal.colour_lustre               ? 
_exptl_crystal.colour_modifier             ? 
_exptl_crystal.colour_primary              ? 
_exptl_crystal.density_meas                ? 
_exptl_crystal.density_meas_esd            ? 
_exptl_crystal.density_meas_gt             ? 
_exptl_crystal.density_meas_lt             ? 
_exptl_crystal.density_meas_temp           ? 
_exptl_crystal.density_meas_temp_esd       ? 
_exptl_crystal.density_meas_temp_gt        ? 
_exptl_crystal.density_meas_temp_lt        ? 
_exptl_crystal.pdbx_crystal_image_url      ? 
_exptl_crystal.pdbx_crystal_image_format   ? 
_exptl_crystal.pdbx_mosaicity              ? 
_exptl_crystal.pdbx_mosaicity_esd          ? 
# 
_exptl_crystal_grow.apparatus       ? 
_exptl_crystal_grow.atmosphere      ? 
_exptl_crystal_grow.crystal_id      1 
_exptl_crystal_grow.details         ? 
_exptl_crystal_grow.method          'VAPOR DIFFUSION, HANGING DROP' 
_exptl_crystal_grow.method_ref      ? 
_exptl_crystal_grow.pH              ? 
_exptl_crystal_grow.pressure        ? 
_exptl_crystal_grow.pressure_esd    ? 
_exptl_crystal_grow.seeding         ? 
_exptl_crystal_grow.seeding_ref     ? 
_exptl_crystal_grow.temp            293 
_exptl_crystal_grow.temp_details    ? 
_exptl_crystal_grow.temp_esd        ? 
_exptl_crystal_grow.time            ? 
_exptl_crystal_grow.pdbx_details    'MPD, sodium cacodylate, spermine tetrahydrochloride, lithium nitrate' 
_exptl_crystal_grow.pdbx_pH_range   ? 
# 
_diffrn.ambient_environment              ? 
_diffrn.ambient_temp                     100 
_diffrn.ambient_temp_details             ? 
_diffrn.ambient_temp_esd                 ? 
_diffrn.crystal_id                       1 
_diffrn.crystal_support                  ? 
_diffrn.crystal_treatment                ? 
_diffrn.details                          ? 
_diffrn.id                               1 
_diffrn.ambient_pressure                 ? 
_diffrn.ambient_pressure_esd             ? 
_diffrn.ambient_pressure_gt              ? 
_diffrn.ambient_pressure_lt              ? 
_diffrn.ambient_temp_gt                  ? 
_diffrn.ambient_temp_lt                  ? 
_diffrn.pdbx_serial_crystal_experiment   N 
# 
_diffrn_detector.details                      ? 
_diffrn_detector.detector                     PIXEL 
_diffrn_detector.diffrn_id                    1 
_diffrn_detector.type                         'DECTRIS EIGER X 4M' 
_diffrn_detector.area_resol_mean              ? 
_diffrn_detector.dtime                        ? 
_diffrn_detector.pdbx_frames_total            ? 
_diffrn_detector.pdbx_collection_time_total   ? 
_diffrn_detector.pdbx_collection_date         2015-05-25 
_diffrn_detector.pdbx_frequency               ? 
# 
_diffrn_radiation.collimation                      ? 
_diffrn_radiation.diffrn_id                        1 
_diffrn_radiation.filter_edge                      ? 
_diffrn_radiation.inhomogeneity                    ? 
_diffrn_radiation.monochromator                    ? 
_diffrn_radiation.polarisn_norm                    ? 
_diffrn_radiation.polarisn_ratio                   ? 
_diffrn_radiation.probe                            ? 
_diffrn_radiation.type                             ? 
_diffrn_radiation.xray_symbol                      ? 
_diffrn_radiation.wavelength_id                    1 
_diffrn_radiation.pdbx_monochromatic_or_laue_m_l   M 
_diffrn_radiation.pdbx_wavelength_list             ? 
_diffrn_radiation.pdbx_wavelength                  ? 
_diffrn_radiation.pdbx_diffrn_protocol             'SINGLE WAVELENGTH' 
_diffrn_radiation.pdbx_analyzer                    ? 
_diffrn_radiation.pdbx_scattering_type             x-ray 
# 
_diffrn_radiation_wavelength.id           1 
_diffrn_radiation_wavelength.wavelength   1.1 
_diffrn_radiation_wavelength.wt           1.0 
# 
_diffrn_source.current                     ? 
_diffrn_source.details                     ? 
_diffrn_source.diffrn_id                   1 
_diffrn_source.power                       ? 
_diffrn_source.size                        ? 
_diffrn_source.source                      SYNCHROTRON 
_diffrn_source.target                      ? 
_diffrn_source.type                        'PHOTON FACTORY BEAMLINE BL-1A' 
_diffrn_source.voltage                     ? 
_diffrn_source.take-off_angle              ? 
_diffrn_source.pdbx_wavelength_list        1.1 
_diffrn_source.pdbx_wavelength             ? 
_diffrn_source.pdbx_synchrotron_beamline   BL-1A 
_diffrn_source.pdbx_synchrotron_site       'Photon Factory' 
# 
_reflns.B_iso_Wilson_estimate            66.095 
_reflns.entry_id                         7ECJ 
_reflns.data_reduction_details           ? 
_reflns.data_reduction_method            ? 
_reflns.d_resolution_high                3.100 
_reflns.d_resolution_low                 46.550 
_reflns.details                          ? 
_reflns.limit_h_max                      ? 
_reflns.limit_h_min                      ? 
_reflns.limit_k_max                      ? 
_reflns.limit_k_min                      ? 
_reflns.limit_l_max                      ? 
_reflns.limit_l_min                      ? 
_reflns.number_all                       ? 
_reflns.number_obs                       2674 
_reflns.observed_criterion               ? 
_reflns.observed_criterion_F_max         ? 
_reflns.observed_criterion_F_min         ? 
_reflns.observed_criterion_I_max         ? 
_reflns.observed_criterion_I_min         ? 
_reflns.observed_criterion_sigma_F       ? 
_reflns.observed_criterion_sigma_I       ? 
_reflns.percent_possible_obs             99.700 
_reflns.R_free_details                   ? 
_reflns.Rmerge_F_all                     ? 
_reflns.Rmerge_F_obs                     ? 
_reflns.Friedel_coverage                 ? 
_reflns.number_gt                        ? 
_reflns.threshold_expression             ? 
_reflns.pdbx_redundancy                  8.588 
_reflns.pdbx_Rmerge_I_obs                0.070 
_reflns.pdbx_Rmerge_I_all                ? 
_reflns.pdbx_Rsym_value                  ? 
_reflns.pdbx_netI_over_av_sigmaI         ? 
_reflns.pdbx_netI_over_sigmaI            21.510 
_reflns.pdbx_res_netI_over_av_sigmaI_2   ? 
_reflns.pdbx_res_netI_over_sigmaI_2      ? 
_reflns.pdbx_chi_squared                 0.897 
_reflns.pdbx_scaling_rejects             ? 
_reflns.pdbx_d_res_high_opt              ? 
_reflns.pdbx_d_res_low_opt               ? 
_reflns.pdbx_d_res_opt_method            ? 
_reflns.phase_calculation_details        ? 
_reflns.pdbx_Rrim_I_all                  0.075 
_reflns.pdbx_Rpim_I_all                  ? 
_reflns.pdbx_d_opt                       ? 
_reflns.pdbx_number_measured_all         22964 
_reflns.pdbx_diffrn_id                   1 
_reflns.pdbx_ordinal                     1 
_reflns.pdbx_CC_half                     0.999 
_reflns.pdbx_CC_star                     ? 
_reflns.pdbx_R_split                     ? 
# 
loop_
_reflns_shell.d_res_high 
_reflns_shell.d_res_low 
_reflns_shell.meanI_over_sigI_all 
_reflns_shell.meanI_over_sigI_obs 
_reflns_shell.number_measured_all 
_reflns_shell.number_measured_obs 
_reflns_shell.number_possible 
_reflns_shell.number_unique_all 
_reflns_shell.number_unique_obs 
_reflns_shell.percent_possible_all 
_reflns_shell.percent_possible_obs 
_reflns_shell.Rmerge_F_all 
_reflns_shell.Rmerge_F_obs 
_reflns_shell.Rmerge_I_all 
_reflns_shell.Rmerge_I_obs 
_reflns_shell.meanI_over_sigI_gt 
_reflns_shell.meanI_over_uI_all 
_reflns_shell.meanI_over_uI_gt 
_reflns_shell.number_measured_gt 
_reflns_shell.number_unique_gt 
_reflns_shell.percent_possible_gt 
_reflns_shell.Rmerge_F_gt 
_reflns_shell.Rmerge_I_gt 
_reflns_shell.pdbx_redundancy 
_reflns_shell.pdbx_Rsym_value 
_reflns_shell.pdbx_chi_squared 
_reflns_shell.pdbx_netI_over_sigmaI_all 
_reflns_shell.pdbx_netI_over_sigmaI_obs 
_reflns_shell.pdbx_Rrim_I_all 
_reflns_shell.pdbx_Rpim_I_all 
_reflns_shell.pdbx_rejects 
_reflns_shell.pdbx_ordinal 
_reflns_shell.pdbx_diffrn_id 
_reflns_shell.pdbx_CC_half 
_reflns_shell.pdbx_CC_star 
_reflns_shell.pdbx_R_split 
3.100  3.180  ? 5.140  ? 1914 204 ? 202 99.000  ? ? ? ? 0.415 ? ? ? ? ? ? ? ? 9.475 ? ? ? ? 0.439 ? ? 1  1 0.993 ? ? 
3.180  3.270  ? 7.700  ? 1557 166 ? 166 100.000 ? ? ? ? 0.229 ? ? ? ? ? ? ? ? 9.380 ? ? ? ? 0.242 ? ? 2  1 0.996 ? ? 
3.270  3.370  ? 7.620  ? 1650 177 ? 177 100.000 ? ? ? ? 0.264 ? ? ? ? ? ? ? ? 9.322 ? ? ? ? 0.279 ? ? 3  1 0.995 ? ? 
3.370  3.470  ? 7.390  ? 1608 181 ? 181 100.000 ? ? ? ? 0.274 ? ? ? ? ? ? ? ? 8.884 ? ? ? ? 0.291 ? ? 4  1 0.995 ? ? 
3.470  3.580  ? 10.160 ? 1480 163 ? 163 100.000 ? ? ? ? 0.196 ? ? ? ? ? ? ? ? 9.080 ? ? ? ? 0.208 ? ? 5  1 0.998 ? ? 
3.580  3.710  ? 11.070 ? 1497 164 ? 164 100.000 ? ? ? ? 0.185 ? ? ? ? ? ? ? ? 9.128 ? ? ? ? 0.196 ? ? 6  1 0.998 ? ? 
3.710  3.850  ? 12.620 ? 1282 157 ? 157 100.000 ? ? ? ? 0.123 ? ? ? ? ? ? ? ? 8.166 ? ? ? ? 0.131 ? ? 7  1 0.998 ? ? 
3.850  4.010  ? 15.640 ? 1306 163 ? 163 100.000 ? ? ? ? 0.102 ? ? ? ? ? ? ? ? 8.012 ? ? ? ? 0.109 ? ? 8  1 0.998 ? ? 
4.010  4.180  ? 20.240 ? 1291 143 ? 143 100.000 ? ? ? ? 0.098 ? ? ? ? ? ? ? ? 9.028 ? ? ? ? 0.104 ? ? 9  1 0.998 ? ? 
4.180  4.390  ? 23.420 ? 1330 143 ? 142 99.300  ? ? ? ? 0.091 ? ? ? ? ? ? ? ? 9.366 ? ? ? ? 0.096 ? ? 10 1 0.995 ? ? 
4.390  4.630  ? 29.970 ? 1146 135 ? 134 99.300  ? ? ? ? 0.057 ? ? ? ? ? ? ? ? 8.552 ? ? ? ? 0.061 ? ? 11 1 0.999 ? ? 
4.630  4.910  ? 29.270 ? 1136 135 ? 134 99.300  ? ? ? ? 0.058 ? ? ? ? ? ? ? ? 8.478 ? ? ? ? 0.062 ? ? 12 1 0.998 ? ? 
4.910  5.250  ? 32.410 ? 997  127 ? 126 99.200  ? ? ? ? 0.053 ? ? ? ? ? ? ? ? 7.913 ? ? ? ? 0.056 ? ? 13 1 0.998 ? ? 
5.250  5.670  ? 39.580 ? 916  109 ? 109 100.000 ? ? ? ? 0.042 ? ? ? ? ? ? ? ? 8.404 ? ? ? ? 0.045 ? ? 14 1 0.999 ? ? 
5.670  6.210  ? 36.910 ? 986  115 ? 115 100.000 ? ? ? ? 0.045 ? ? ? ? ? ? ? ? 8.574 ? ? ? ? 0.048 ? ? 15 1 0.999 ? ? 
6.210  6.940  ? 37.630 ? 886  105 ? 105 100.000 ? ? ? ? 0.044 ? ? ? ? ? ? ? ? 8.438 ? ? ? ? 0.046 ? ? 16 1 0.999 ? ? 
6.940  8.010  ? 44.640 ? 751  97  ? 97  100.000 ? ? ? ? 0.036 ? ? ? ? ? ? ? ? 7.742 ? ? ? ? 0.038 ? ? 17 1 0.999 ? ? 
8.010  9.810  ? 48.240 ? 586  78  ? 78  100.000 ? ? ? ? 0.034 ? ? ? ? ? ? ? ? 7.513 ? ? ? ? 0.036 ? ? 18 1 1.000 ? ? 
9.810  13.880 ? 50.430 ? 438  72  ? 72  100.000 ? ? ? ? 0.026 ? ? ? ? ? ? ? ? 6.083 ? ? ? ? 0.029 ? ? 19 1 0.999 ? ? 
13.880 46.550 ? 44.630 ? 207  47  ? 46  97.900  ? ? ? ? 0.030 ? ? ? ? ? ? ? ? 4.500 ? ? ? ? 0.034 ? ? 20 1 0.999 ? ? 
# 
_refine.aniso_B[1][1]                            ? 
_refine.aniso_B[1][2]                            ? 
_refine.aniso_B[1][3]                            ? 
_refine.aniso_B[2][2]                            ? 
_refine.aniso_B[2][3]                            ? 
_refine.aniso_B[3][3]                            ? 
_refine.B_iso_max                                153.070 
_refine.B_iso_mean                               73.9224 
_refine.B_iso_min                                32.020 
_refine.correlation_coeff_Fo_to_Fc               ? 
_refine.correlation_coeff_Fo_to_Fc_free          ? 
_refine.details                                  ? 
_refine.diff_density_max                         ? 
_refine.diff_density_max_esd                     ? 
_refine.diff_density_min                         ? 
_refine.diff_density_min_esd                     ? 
_refine.diff_density_rms                         ? 
_refine.diff_density_rms_esd                     ? 
_refine.entry_id                                 7ECJ 
_refine.pdbx_refine_id                           'X-RAY DIFFRACTION' 
_refine.ls_abs_structure_details                 ? 
_refine.ls_abs_structure_Flack                   ? 
_refine.ls_abs_structure_Flack_esd               ? 
_refine.ls_abs_structure_Rogers                  ? 
_refine.ls_abs_structure_Rogers_esd              ? 
_refine.ls_d_res_high                            3.1000 
_refine.ls_d_res_low                             46.5500 
_refine.ls_extinction_coef                       ? 
_refine.ls_extinction_coef_esd                   ? 
_refine.ls_extinction_expression                 ? 
_refine.ls_extinction_method                     ? 
_refine.ls_goodness_of_fit_all                   ? 
_refine.ls_goodness_of_fit_all_esd               ? 
_refine.ls_goodness_of_fit_obs                   ? 
_refine.ls_goodness_of_fit_obs_esd               ? 
_refine.ls_hydrogen_treatment                    ? 
_refine.ls_matrix_type                           ? 
_refine.ls_number_constraints                    ? 
_refine.ls_number_parameters                     ? 
_refine.ls_number_reflns_all                     ? 
_refine.ls_number_reflns_obs                     2642 
_refine.ls_number_reflns_R_free                  263 
_refine.ls_number_reflns_R_work                  2379 
_refine.ls_number_restraints                     ? 
_refine.ls_percent_reflns_obs                    98.5100 
_refine.ls_percent_reflns_R_free                 9.9500 
_refine.ls_R_factor_all                          ? 
_refine.ls_R_factor_obs                          0.2364 
_refine.ls_R_factor_R_free                       0.2829 
_refine.ls_R_factor_R_free_error                 ? 
_refine.ls_R_factor_R_free_error_details         ? 
_refine.ls_R_factor_R_work                       0.2311 
_refine.ls_R_Fsqd_factor_obs                     ? 
_refine.ls_R_I_factor_obs                        ? 
_refine.ls_redundancy_reflns_all                 ? 
_refine.ls_redundancy_reflns_obs                 ? 
_refine.ls_restrained_S_all                      ? 
_refine.ls_restrained_S_obs                      ? 
_refine.ls_shift_over_esd_max                    ? 
_refine.ls_shift_over_esd_mean                   ? 
_refine.ls_structure_factor_coef                 ? 
_refine.ls_weighting_details                     ? 
_refine.ls_weighting_scheme                      ? 
_refine.ls_wR_factor_all                         ? 
_refine.ls_wR_factor_obs                         ? 
_refine.ls_wR_factor_R_free                      ? 
_refine.ls_wR_factor_R_work                      ? 
_refine.occupancy_max                            ? 
_refine.occupancy_min                            ? 
_refine.solvent_model_details                    'FLAT BULK SOLVENT MODEL' 
_refine.solvent_model_param_bsol                 ? 
_refine.solvent_model_param_ksol                 ? 
_refine.pdbx_R_complete                          ? 
_refine.ls_R_factor_gt                           ? 
_refine.ls_goodness_of_fit_gt                    ? 
_refine.ls_goodness_of_fit_ref                   ? 
_refine.ls_shift_over_su_max                     ? 
_refine.ls_shift_over_su_max_lt                  ? 
_refine.ls_shift_over_su_mean                    ? 
_refine.ls_shift_over_su_mean_lt                 ? 
_refine.pdbx_ls_sigma_I                          ? 
_refine.pdbx_ls_sigma_F                          1.390 
_refine.pdbx_ls_sigma_Fsqd                       ? 
_refine.pdbx_data_cutoff_high_absF               ? 
_refine.pdbx_data_cutoff_high_rms_absF           ? 
_refine.pdbx_data_cutoff_low_absF                ? 
_refine.pdbx_isotropic_thermal_model             ? 
_refine.pdbx_ls_cross_valid_method               THROUGHOUT 
_refine.pdbx_method_to_determine_struct          'MOLECULAR REPLACEMENT' 
_refine.pdbx_starting_model                      ? 
_refine.pdbx_stereochemistry_target_values       ML 
_refine.pdbx_R_Free_selection_details            ? 
_refine.pdbx_stereochem_target_val_spec_case     ? 
_refine.pdbx_overall_ESU_R                       ? 
_refine.pdbx_overall_ESU_R_Free                  ? 
_refine.pdbx_solvent_vdw_probe_radii             1.1100 
_refine.pdbx_solvent_ion_probe_radii             ? 
_refine.pdbx_solvent_shrinkage_radii             0.9000 
_refine.pdbx_real_space_R                        ? 
_refine.pdbx_density_correlation                 ? 
_refine.pdbx_pd_number_of_powder_patterns        ? 
_refine.pdbx_pd_number_of_points                 ? 
_refine.pdbx_pd_meas_number_of_points            ? 
_refine.pdbx_pd_proc_ls_prof_R_factor            ? 
_refine.pdbx_pd_proc_ls_prof_wR_factor           ? 
_refine.pdbx_pd_Marquardt_correlation_coeff      ? 
_refine.pdbx_pd_Fsqrd_R_factor                   ? 
_refine.pdbx_pd_ls_matrix_band_width             ? 
_refine.pdbx_overall_phase_error                 22.0700 
_refine.pdbx_overall_SU_R_free_Cruickshank_DPI   ? 
_refine.pdbx_overall_SU_R_free_Blow_DPI          ? 
_refine.pdbx_overall_SU_R_Blow_DPI               ? 
_refine.pdbx_TLS_residual_ADP_flag               ? 
_refine.pdbx_diffrn_id                           1 
_refine.overall_SU_B                             ? 
_refine.overall_SU_ML                            0.2100 
_refine.overall_SU_R_Cruickshank_DPI             ? 
_refine.overall_SU_R_free                        ? 
_refine.overall_FOM_free_R_set                   ? 
_refine.overall_FOM_work_R_set                   ? 
_refine.pdbx_average_fsc_overall                 ? 
_refine.pdbx_average_fsc_work                    ? 
_refine.pdbx_average_fsc_free                    ? 
# 
_refine_hist.pdbx_refine_id                   'X-RAY DIFFRACTION' 
_refine_hist.cycle_id                         final 
_refine_hist.details                          ? 
_refine_hist.d_res_high                       3.1000 
_refine_hist.d_res_low                        46.5500 
_refine_hist.number_atoms_solvent             0 
_refine_hist.number_atoms_total               756 
_refine_hist.number_reflns_all                ? 
_refine_hist.number_reflns_obs                ? 
_refine_hist.number_reflns_R_free             ? 
_refine_hist.number_reflns_R_work             ? 
_refine_hist.R_factor_all                     ? 
_refine_hist.R_factor_obs                     ? 
_refine_hist.R_factor_R_free                  ? 
_refine_hist.R_factor_R_work                  ? 
_refine_hist.pdbx_number_residues_total       36 
_refine_hist.pdbx_B_iso_mean_ligand           ? 
_refine_hist.pdbx_B_iso_mean_solvent          ? 
_refine_hist.pdbx_number_atoms_protein        0 
_refine_hist.pdbx_number_atoms_nucleic_acid   756 
_refine_hist.pdbx_number_atoms_ligand         0 
_refine_hist.pdbx_number_atoms_lipid          ? 
_refine_hist.pdbx_number_atoms_carb           ? 
_refine_hist.pdbx_pseudo_atom_details         ? 
# 
loop_
_refine_ls_shell.pdbx_refine_id 
_refine_ls_shell.d_res_high 
_refine_ls_shell.d_res_low 
_refine_ls_shell.number_reflns_all 
_refine_ls_shell.number_reflns_obs 
_refine_ls_shell.number_reflns_R_free 
_refine_ls_shell.number_reflns_R_work 
_refine_ls_shell.percent_reflns_obs 
_refine_ls_shell.percent_reflns_R_free 
_refine_ls_shell.R_factor_all 
_refine_ls_shell.R_factor_obs 
_refine_ls_shell.R_factor_R_free 
_refine_ls_shell.R_factor_R_free_error 
_refine_ls_shell.R_factor_R_work 
_refine_ls_shell.redundancy_reflns_all 
_refine_ls_shell.redundancy_reflns_obs 
_refine_ls_shell.wR_factor_all 
_refine_ls_shell.wR_factor_obs 
_refine_ls_shell.wR_factor_R_free 
_refine_ls_shell.wR_factor_R_work 
_refine_ls_shell.pdbx_R_complete 
_refine_ls_shell.pdbx_total_number_of_bins_used 
_refine_ls_shell.pdbx_phase_error 
_refine_ls_shell.pdbx_fsc_work 
_refine_ls_shell.pdbx_fsc_free 
'X-RAY DIFFRACTION' 3.1000 3.9100  1242 . 123 1119 97.0000  . . . 0.3412 0.0000 0.2745 . . . . . . . 2 . . . 
'X-RAY DIFFRACTION' 3.9100 46.5500 1400 . 140 1260 100.0000 . . . 0.2649 0.0000 0.2165 . . . . . . . 2 . . . 
# 
_struct.entry_id                     7ECJ 
_struct.title                        'RNA duplex containing C-A base pairs' 
_struct.pdbx_model_details           ? 
_struct.pdbx_formula_weight          ? 
_struct.pdbx_formula_weight_method   ? 
_struct.pdbx_model_type_details      ? 
_struct.pdbx_CASP_flag               N 
# 
_struct_keywords.entry_id        7ECJ 
_struct_keywords.text            'mismatch, RNA' 
_struct_keywords.pdbx_keywords   RNA 
# 
loop_
_struct_asym.id 
_struct_asym.pdbx_blank_PDB_chainid_flag 
_struct_asym.pdbx_modified 
_struct_asym.entity_id 
_struct_asym.details 
A N N 1 ? 
B N N 1 ? 
C N N 1 ? 
# 
_struct_ref.id                         1 
_struct_ref.db_name                    PDB 
_struct_ref.db_code                    7ECJ 
_struct_ref.pdbx_db_accession          7ECJ 
_struct_ref.pdbx_db_isoform            ? 
_struct_ref.entity_id                  1 
_struct_ref.pdbx_seq_one_letter_code   ? 
_struct_ref.pdbx_align_begin           1 
# 
loop_
_struct_ref_seq.align_id 
_struct_ref_seq.ref_id 
_struct_ref_seq.pdbx_PDB_id_code 
_struct_ref_seq.pdbx_strand_id 
_struct_ref_seq.seq_align_beg 
_struct_ref_seq.pdbx_seq_align_beg_ins_code 
_struct_ref_seq.seq_align_end 
_struct_ref_seq.pdbx_seq_align_end_ins_code 
_struct_ref_seq.pdbx_db_accession 
_struct_ref_seq.db_align_beg 
_struct_ref_seq.pdbx_db_align_beg_ins_code 
_struct_ref_seq.db_align_end 
_struct_ref_seq.pdbx_db_align_end_ins_code 
_struct_ref_seq.pdbx_auth_seq_align_beg 
_struct_ref_seq.pdbx_auth_seq_align_end 
1 1 7ECJ A 1 ? 12 ? 7ECJ 1 ? 12 ? 1 12 
2 1 7ECJ B 1 ? 12 ? 7ECJ 1 ? 12 ? 1 12 
3 1 7ECJ C 1 ? 12 ? 7ECJ 1 ? 12 ? 1 12 
# 
loop_
_pdbx_struct_assembly.id 
_pdbx_struct_assembly.details 
_pdbx_struct_assembly.method_details 
_pdbx_struct_assembly.oligomeric_details 
_pdbx_struct_assembly.oligomeric_count 
1 author_and_software_defined_assembly PISA dimeric 2 
2 author_and_software_defined_assembly PISA dimeric 2 
# 
loop_
_pdbx_struct_assembly_prop.biol_id 
_pdbx_struct_assembly_prop.type 
_pdbx_struct_assembly_prop.value 
_pdbx_struct_assembly_prop.details 
1 'ABSA (A^2)' 2240 ? 
1 MORE         3    ? 
1 'SSA (A^2)'  4220 ? 
2 'ABSA (A^2)' 2150 ? 
2 MORE         2    ? 
2 'SSA (A^2)'  4370 ? 
# 
loop_
_pdbx_struct_assembly_gen.assembly_id 
_pdbx_struct_assembly_gen.oper_expression 
_pdbx_struct_assembly_gen.asym_id_list 
1 1   A,B 
2 1,2 C   
# 
_pdbx_struct_assembly_auth_evidence.id                     1 
_pdbx_struct_assembly_auth_evidence.assembly_id            1 
_pdbx_struct_assembly_auth_evidence.experimental_support   none 
_pdbx_struct_assembly_auth_evidence.details                ? 
# 
loop_
_pdbx_struct_oper_list.id 
_pdbx_struct_oper_list.type 
_pdbx_struct_oper_list.name 
_pdbx_struct_oper_list.symmetry_operation 
_pdbx_struct_oper_list.matrix[1][1] 
_pdbx_struct_oper_list.matrix[1][2] 
_pdbx_struct_oper_list.matrix[1][3] 
_pdbx_struct_oper_list.vector[1] 
_pdbx_struct_oper_list.matrix[2][1] 
_pdbx_struct_oper_list.matrix[2][2] 
_pdbx_struct_oper_list.matrix[2][3] 
_pdbx_struct_oper_list.vector[2] 
_pdbx_struct_oper_list.matrix[3][1] 
_pdbx_struct_oper_list.matrix[3][2] 
_pdbx_struct_oper_list.matrix[3][3] 
_pdbx_struct_oper_list.vector[3] 
1 'identity operation'         1_555  x,y,z         1.0000000000  0.0000000000  0.0000000000  0.0000000000   0.0000000000  1.0000000000 0.0000000000 0.0000000000  0.0000000000  0.0000000000 1.0000000000  0.0000000000   
2 'crystal symmetry operation' 11_555 -x+y,y,-z+1/2 -0.7727336553 -0.5368452148 -0.3386442283 -16.2548718175 -0.5368452148 0.2681278656 0.7999404122 15.2979037123 -0.3386442283 0.7999404122 -0.4953942103 -35.1601790670 
# 
loop_
_struct_conn.id 
_struct_conn.conn_type_id 
_struct_conn.pdbx_leaving_atom_flag 
_struct_conn.pdbx_PDB_id 
_struct_conn.ptnr1_label_asym_id 
_struct_conn.ptnr1_label_comp_id 
_struct_conn.ptnr1_label_seq_id 
_struct_conn.ptnr1_label_atom_id 
_struct_conn.pdbx_ptnr1_label_alt_id 
_struct_conn.pdbx_ptnr1_PDB_ins_code 
_struct_conn.pdbx_ptnr1_standard_comp_id 
_struct_conn.ptnr1_symmetry 
_struct_conn.ptnr2_label_asym_id 
_struct_conn.ptnr2_label_comp_id 
_struct_conn.ptnr2_label_seq_id 
_struct_conn.ptnr2_label_atom_id 
_struct_conn.pdbx_ptnr2_label_alt_id 
_struct_conn.pdbx_ptnr2_PDB_ins_code 
_struct_conn.ptnr1_auth_asym_id 
_struct_conn.ptnr1_auth_comp_id 
_struct_conn.ptnr1_auth_seq_id 
_struct_conn.ptnr2_auth_asym_id 
_struct_conn.ptnr2_auth_comp_id 
_struct_conn.ptnr2_auth_seq_id 
_struct_conn.ptnr2_symmetry 
_struct_conn.pdbx_ptnr3_label_atom_id 
_struct_conn.pdbx_ptnr3_label_seq_id 
_struct_conn.pdbx_ptnr3_label_comp_id 
_struct_conn.pdbx_ptnr3_label_asym_id 
_struct_conn.pdbx_ptnr3_label_alt_id 
_struct_conn.pdbx_ptnr3_PDB_ins_code 
_struct_conn.details 
_struct_conn.pdbx_dist_value 
_struct_conn.pdbx_value_order 
_struct_conn.pdbx_role 
covale1  covale both ? A U   5  "O3'" ? ? ? 1_555 A CBR 6  P  ? ? A U   5  A CBR 6  1_555 ? ? ? ? ? ? ?             1.614 ? ? 
covale2  covale both ? A CBR 6  "O3'" ? ? ? 1_555 A G   7  P  ? ? A CBR 6  A G   7  1_555 ? ? ? ? ? ? ?             1.616 ? ? 
covale3  covale both ? B U   5  "O3'" ? ? ? 1_555 B CBR 6  P  ? ? B U   5  B CBR 6  1_555 ? ? ? ? ? ? ?             1.610 ? ? 
covale4  covale both ? B CBR 6  "O3'" ? ? ? 1_555 B G   7  P  ? ? B CBR 6  B G   7  1_555 ? ? ? ? ? ? ?             1.613 ? ? 
covale5  covale both ? C U   5  "O3'" ? ? ? 1_555 C CBR 6  P  ? ? C U   5  C CBR 6  1_555 ? ? ? ? ? ? ?             1.609 ? ? 
covale6  covale both ? C CBR 6  "O3'" ? ? ? 1_555 C G   7  P  ? ? C CBR 6  C G   7  1_555 ? ? ? ? ? ? ?             1.615 ? ? 
hydrog1  hydrog ?    ? A G   1  N1    ? ? ? 1_555 B C   12 N3 ? ? A G   1  B C   12 1_555 ? ? ? ? ? ? WATSON-CRICK  ?     ? ? 
hydrog2  hydrog ?    ? A G   1  N2    ? ? ? 1_555 B C   12 O2 ? ? A G   1  B C   12 1_555 ? ? ? ? ? ? WATSON-CRICK  ?     ? ? 
hydrog3  hydrog ?    ? A G   1  O6    ? ? ? 1_555 B C   12 N4 ? ? A G   1  B C   12 1_555 ? ? ? ? ? ? WATSON-CRICK  ?     ? ? 
hydrog4  hydrog ?    ? A G   2  N1    ? ? ? 1_555 B C   11 N3 ? ? A G   2  B C   11 1_555 ? ? ? ? ? ? WATSON-CRICK  ?     ? ? 
hydrog5  hydrog ?    ? A G   2  N2    ? ? ? 1_555 B C   11 O2 ? ? A G   2  B C   11 1_555 ? ? ? ? ? ? WATSON-CRICK  ?     ? ? 
hydrog6  hydrog ?    ? A G   2  O6    ? ? ? 1_555 B C   11 N4 ? ? A G   2  B C   11 1_555 ? ? ? ? ? ? WATSON-CRICK  ?     ? ? 
hydrog7  hydrog ?    ? A A   3  N1    ? ? ? 1_555 B U   10 N3 ? ? A A   3  B U   10 1_555 ? ? ? ? ? ? WATSON-CRICK  ?     ? ? 
hydrog8  hydrog ?    ? A A   3  N6    ? ? ? 1_555 B U   10 O4 ? ? A A   3  B U   10 1_555 ? ? ? ? ? ? WATSON-CRICK  ?     ? ? 
hydrog9  hydrog ?    ? A C   4  N3    ? ? ? 1_555 B A   9  N6 ? ? A C   4  B A   9  1_555 ? ? ? ? ? ? 'C-A MISPAIR' ?     ? ? 
hydrog10 hydrog ?    ? A U   5  N3    ? ? ? 1_555 B A   8  N1 ? ? A U   5  B A   8  1_555 ? ? ? ? ? ? WATSON-CRICK  ?     ? ? 
hydrog11 hydrog ?    ? A U   5  O4    ? ? ? 1_555 B A   8  N6 ? ? A U   5  B A   8  1_555 ? ? ? ? ? ? WATSON-CRICK  ?     ? ? 
hydrog12 hydrog ?    ? A CBR 6  N3    ? ? ? 1_555 B G   7  N1 ? ? A CBR 6  B G   7  1_555 ? ? ? ? ? ? WATSON-CRICK  ?     ? ? 
hydrog13 hydrog ?    ? A CBR 6  N4    ? ? ? 1_555 B G   7  O6 ? ? A CBR 6  B G   7  1_555 ? ? ? ? ? ? WATSON-CRICK  ?     ? ? 
hydrog14 hydrog ?    ? A CBR 6  O2    ? ? ? 1_555 B G   7  N2 ? ? A CBR 6  B G   7  1_555 ? ? ? ? ? ? WATSON-CRICK  ?     ? ? 
hydrog15 hydrog ?    ? A G   7  N1    ? ? ? 1_555 B CBR 6  N3 ? ? A G   7  B CBR 6  1_555 ? ? ? ? ? ? WATSON-CRICK  ?     ? ? 
hydrog16 hydrog ?    ? A G   7  N2    ? ? ? 1_555 B CBR 6  O2 ? ? A G   7  B CBR 6  1_555 ? ? ? ? ? ? WATSON-CRICK  ?     ? ? 
hydrog17 hydrog ?    ? A G   7  O6    ? ? ? 1_555 B CBR 6  N4 ? ? A G   7  B CBR 6  1_555 ? ? ? ? ? ? WATSON-CRICK  ?     ? ? 
hydrog18 hydrog ?    ? A A   8  N1    ? ? ? 1_555 B U   5  N3 ? ? A A   8  B U   5  1_555 ? ? ? ? ? ? WATSON-CRICK  ?     ? ? 
hydrog19 hydrog ?    ? A A   8  N6    ? ? ? 1_555 B U   5  O4 ? ? A A   8  B U   5  1_555 ? ? ? ? ? ? WATSON-CRICK  ?     ? ? 
hydrog20 hydrog ?    ? A A   9  N6    ? ? ? 1_555 B C   4  N3 ? ? A A   9  B C   4  1_555 ? ? ? ? ? ? 'A-C MISPAIR' ?     ? ? 
hydrog21 hydrog ?    ? A U   10 N3    ? ? ? 1_555 B A   3  N1 ? ? A U   10 B A   3  1_555 ? ? ? ? ? ? WATSON-CRICK  ?     ? ? 
hydrog22 hydrog ?    ? A U   10 O4    ? ? ? 1_555 B A   3  N6 ? ? A U   10 B A   3  1_555 ? ? ? ? ? ? WATSON-CRICK  ?     ? ? 
hydrog23 hydrog ?    ? A C   11 N3    ? ? ? 1_555 B G   2  N1 ? ? A C   11 B G   2  1_555 ? ? ? ? ? ? WATSON-CRICK  ?     ? ? 
hydrog24 hydrog ?    ? A C   11 N4    ? ? ? 1_555 B G   2  O6 ? ? A C   11 B G   2  1_555 ? ? ? ? ? ? WATSON-CRICK  ?     ? ? 
hydrog25 hydrog ?    ? A C   11 O2    ? ? ? 1_555 B G   2  N2 ? ? A C   11 B G   2  1_555 ? ? ? ? ? ? WATSON-CRICK  ?     ? ? 
hydrog26 hydrog ?    ? A C   12 N3    ? ? ? 1_555 B G   1  N1 ? ? A C   12 B G   1  1_555 ? ? ? ? ? ? WATSON-CRICK  ?     ? ? 
hydrog27 hydrog ?    ? A C   12 N4    ? ? ? 1_555 B G   1  O6 ? ? A C   12 B G   1  1_555 ? ? ? ? ? ? WATSON-CRICK  ?     ? ? 
hydrog28 hydrog ?    ? A C   12 O2    ? ? ? 1_555 B G   1  N2 ? ? A C   12 B G   1  1_555 ? ? ? ? ? ? WATSON-CRICK  ?     ? ? 
# 
loop_
_struct_conn_type.id 
_struct_conn_type.criteria 
_struct_conn_type.reference 
covale ? ? 
hydrog ? ? 
# 
loop_
_pdbx_validate_rmsd_angle.id 
_pdbx_validate_rmsd_angle.PDB_model_num 
_pdbx_validate_rmsd_angle.auth_atom_id_1 
_pdbx_validate_rmsd_angle.auth_asym_id_1 
_pdbx_validate_rmsd_angle.auth_comp_id_1 
_pdbx_validate_rmsd_angle.auth_seq_id_1 
_pdbx_validate_rmsd_angle.PDB_ins_code_1 
_pdbx_validate_rmsd_angle.label_alt_id_1 
_pdbx_validate_rmsd_angle.auth_atom_id_2 
_pdbx_validate_rmsd_angle.auth_asym_id_2 
_pdbx_validate_rmsd_angle.auth_comp_id_2 
_pdbx_validate_rmsd_angle.auth_seq_id_2 
_pdbx_validate_rmsd_angle.PDB_ins_code_2 
_pdbx_validate_rmsd_angle.label_alt_id_2 
_pdbx_validate_rmsd_angle.auth_atom_id_3 
_pdbx_validate_rmsd_angle.auth_asym_id_3 
_pdbx_validate_rmsd_angle.auth_comp_id_3 
_pdbx_validate_rmsd_angle.auth_seq_id_3 
_pdbx_validate_rmsd_angle.PDB_ins_code_3 
_pdbx_validate_rmsd_angle.label_alt_id_3 
_pdbx_validate_rmsd_angle.angle_value 
_pdbx_validate_rmsd_angle.angle_target_value 
_pdbx_validate_rmsd_angle.angle_deviation 
_pdbx_validate_rmsd_angle.angle_standard_deviation 
_pdbx_validate_rmsd_angle.linker_flag 
1 1 "O3'" A U 5  ? ? P  A CBR 6  ? ? OP2 A CBR 6  ? ? 117.38 110.50 6.88  1.10 Y 
2 1 C6    B C 4  ? ? N1 B C   4  ? ? C2  B C   4  ? ? 117.63 120.30 -2.67 0.40 N 
3 1 N1    B C 4  ? ? C2 B C   4  ? ? N3  B C   4  ? ? 123.57 119.20 4.37  0.70 N 
4 1 C5    B G 7  ? ? C6 B G   7  ? ? N1  B G   7  ? ? 114.54 111.50 3.04  0.50 N 
5 1 N1    B G 7  ? ? C6 B G   7  ? ? O6  B G   7  ? ? 114.67 119.90 -5.23 0.60 N 
6 1 "O5'" B C 11 ? ? P  B C   11 ? ? OP2 B C   11 ? ? 100.01 105.70 -5.69 0.90 N 
# 
_pdbx_entry_details.entry_id                 7ECJ 
_pdbx_entry_details.has_ligand_of_interest   N 
_pdbx_entry_details.compound_details         ? 
_pdbx_entry_details.source_details           ? 
_pdbx_entry_details.nonpolymer_details       ? 
_pdbx_entry_details.sequence_details         ? 
# 
loop_
_chem_comp_atom.comp_id 
_chem_comp_atom.atom_id 
_chem_comp_atom.type_symbol 
_chem_comp_atom.pdbx_aromatic_flag 
_chem_comp_atom.pdbx_stereo_config 
_chem_comp_atom.pdbx_ordinal 
A   OP3    O  N N 1   
A   P      P  N N 2   
A   OP1    O  N N 3   
A   OP2    O  N N 4   
A   "O5'"  O  N N 5   
A   "C5'"  C  N N 6   
A   "C4'"  C  N R 7   
A   "O4'"  O  N N 8   
A   "C3'"  C  N S 9   
A   "O3'"  O  N N 10  
A   "C2'"  C  N R 11  
A   "O2'"  O  N N 12  
A   "C1'"  C  N R 13  
A   N9     N  Y N 14  
A   C8     C  Y N 15  
A   N7     N  Y N 16  
A   C5     C  Y N 17  
A   C6     C  Y N 18  
A   N6     N  N N 19  
A   N1     N  Y N 20  
A   C2     C  Y N 21  
A   N3     N  Y N 22  
A   C4     C  Y N 23  
A   HOP3   H  N N 24  
A   HOP2   H  N N 25  
A   "H5'"  H  N N 26  
A   "H5''" H  N N 27  
A   "H4'"  H  N N 28  
A   "H3'"  H  N N 29  
A   "HO3'" H  N N 30  
A   "H2'"  H  N N 31  
A   "HO2'" H  N N 32  
A   "H1'"  H  N N 33  
A   H8     H  N N 34  
A   H61    H  N N 35  
A   H62    H  N N 36  
A   H2     H  N N 37  
C   OP3    O  N N 38  
C   P      P  N N 39  
C   OP1    O  N N 40  
C   OP2    O  N N 41  
C   "O5'"  O  N N 42  
C   "C5'"  C  N N 43  
C   "C4'"  C  N R 44  
C   "O4'"  O  N N 45  
C   "C3'"  C  N S 46  
C   "O3'"  O  N N 47  
C   "C2'"  C  N R 48  
C   "O2'"  O  N N 49  
C   "C1'"  C  N R 50  
C   N1     N  N N 51  
C   C2     C  N N 52  
C   O2     O  N N 53  
C   N3     N  N N 54  
C   C4     C  N N 55  
C   N4     N  N N 56  
C   C5     C  N N 57  
C   C6     C  N N 58  
C   HOP3   H  N N 59  
C   HOP2   H  N N 60  
C   "H5'"  H  N N 61  
C   "H5''" H  N N 62  
C   "H4'"  H  N N 63  
C   "H3'"  H  N N 64  
C   "HO3'" H  N N 65  
C   "H2'"  H  N N 66  
C   "HO2'" H  N N 67  
C   "H1'"  H  N N 68  
C   H41    H  N N 69  
C   H42    H  N N 70  
C   H5     H  N N 71  
C   H6     H  N N 72  
CBR BR     BR N N 73  
CBR P      P  N N 74  
CBR OP1    O  N N 75  
CBR OP2    O  N N 76  
CBR "O5'"  O  N N 77  
CBR N1     N  N N 78  
CBR C6     C  N N 79  
CBR C2     C  N N 80  
CBR O2     O  N N 81  
CBR N3     N  N N 82  
CBR C4     C  N N 83  
CBR N4     N  N N 84  
CBR C5     C  N N 85  
CBR "C2'"  C  N N 86  
CBR "C5'"  C  N N 87  
CBR "C4'"  C  N R 88  
CBR "O4'"  O  N N 89  
CBR "C1'"  C  N R 90  
CBR "C3'"  C  N S 91  
CBR "O3'"  O  N N 92  
CBR OP3    O  N N 93  
CBR HOP2   H  N N 94  
CBR H6     H  N N 95  
CBR H41    H  N N 96  
CBR H42    H  N N 97  
CBR "H2'"  H  N N 98  
CBR "H2''" H  N N 99  
CBR "H5'"  H  N N 100 
CBR "H5''" H  N N 101 
CBR "H4'"  H  N N 102 
CBR "H1'"  H  N N 103 
CBR "H3'"  H  N N 104 
CBR "HO3'" H  N N 105 
CBR HOP3   H  N N 106 
G   OP3    O  N N 107 
G   P      P  N N 108 
G   OP1    O  N N 109 
G   OP2    O  N N 110 
G   "O5'"  O  N N 111 
G   "C5'"  C  N N 112 
G   "C4'"  C  N R 113 
G   "O4'"  O  N N 114 
G   "C3'"  C  N S 115 
G   "O3'"  O  N N 116 
G   "C2'"  C  N R 117 
G   "O2'"  O  N N 118 
G   "C1'"  C  N R 119 
G   N9     N  Y N 120 
G   C8     C  Y N 121 
G   N7     N  Y N 122 
G   C5     C  Y N 123 
G   C6     C  N N 124 
G   O6     O  N N 125 
G   N1     N  N N 126 
G   C2     C  N N 127 
G   N2     N  N N 128 
G   N3     N  N N 129 
G   C4     C  Y N 130 
G   HOP3   H  N N 131 
G   HOP2   H  N N 132 
G   "H5'"  H  N N 133 
G   "H5''" H  N N 134 
G   "H4'"  H  N N 135 
G   "H3'"  H  N N 136 
G   "HO3'" H  N N 137 
G   "H2'"  H  N N 138 
G   "HO2'" H  N N 139 
G   "H1'"  H  N N 140 
G   H8     H  N N 141 
G   H1     H  N N 142 
G   H21    H  N N 143 
G   H22    H  N N 144 
U   OP3    O  N N 145 
U   P      P  N N 146 
U   OP1    O  N N 147 
U   OP2    O  N N 148 
U   "O5'"  O  N N 149 
U   "C5'"  C  N N 150 
U   "C4'"  C  N R 151 
U   "O4'"  O  N N 152 
U   "C3'"  C  N S 153 
U   "O3'"  O  N N 154 
U   "C2'"  C  N R 155 
U   "O2'"  O  N N 156 
U   "C1'"  C  N R 157 
U   N1     N  N N 158 
U   C2     C  N N 159 
U   O2     O  N N 160 
U   N3     N  N N 161 
U   C4     C  N N 162 
U   O4     O  N N 163 
U   C5     C  N N 164 
U   C6     C  N N 165 
U   HOP3   H  N N 166 
U   HOP2   H  N N 167 
U   "H5'"  H  N N 168 
U   "H5''" H  N N 169 
U   "H4'"  H  N N 170 
U   "H3'"  H  N N 171 
U   "HO3'" H  N N 172 
U   "H2'"  H  N N 173 
U   "HO2'" H  N N 174 
U   "H1'"  H  N N 175 
U   H3     H  N N 176 
U   H5     H  N N 177 
U   H6     H  N N 178 
# 
loop_
_chem_comp_bond.comp_id 
_chem_comp_bond.atom_id_1 
_chem_comp_bond.atom_id_2 
_chem_comp_bond.value_order 
_chem_comp_bond.pdbx_aromatic_flag 
_chem_comp_bond.pdbx_stereo_config 
_chem_comp_bond.pdbx_ordinal 
A   OP3   P      sing N N 1   
A   OP3   HOP3   sing N N 2   
A   P     OP1    doub N N 3   
A   P     OP2    sing N N 4   
A   P     "O5'"  sing N N 5   
A   OP2   HOP2   sing N N 6   
A   "O5'" "C5'"  sing N N 7   
A   "C5'" "C4'"  sing N N 8   
A   "C5'" "H5'"  sing N N 9   
A   "C5'" "H5''" sing N N 10  
A   "C4'" "O4'"  sing N N 11  
A   "C4'" "C3'"  sing N N 12  
A   "C4'" "H4'"  sing N N 13  
A   "O4'" "C1'"  sing N N 14  
A   "C3'" "O3'"  sing N N 15  
A   "C3'" "C2'"  sing N N 16  
A   "C3'" "H3'"  sing N N 17  
A   "O3'" "HO3'" sing N N 18  
A   "C2'" "O2'"  sing N N 19  
A   "C2'" "C1'"  sing N N 20  
A   "C2'" "H2'"  sing N N 21  
A   "O2'" "HO2'" sing N N 22  
A   "C1'" N9     sing N N 23  
A   "C1'" "H1'"  sing N N 24  
A   N9    C8     sing Y N 25  
A   N9    C4     sing Y N 26  
A   C8    N7     doub Y N 27  
A   C8    H8     sing N N 28  
A   N7    C5     sing Y N 29  
A   C5    C6     sing Y N 30  
A   C5    C4     doub Y N 31  
A   C6    N6     sing N N 32  
A   C6    N1     doub Y N 33  
A   N6    H61    sing N N 34  
A   N6    H62    sing N N 35  
A   N1    C2     sing Y N 36  
A   C2    N3     doub Y N 37  
A   C2    H2     sing N N 38  
A   N3    C4     sing Y N 39  
C   OP3   P      sing N N 40  
C   OP3   HOP3   sing N N 41  
C   P     OP1    doub N N 42  
C   P     OP2    sing N N 43  
C   P     "O5'"  sing N N 44  
C   OP2   HOP2   sing N N 45  
C   "O5'" "C5'"  sing N N 46  
C   "C5'" "C4'"  sing N N 47  
C   "C5'" "H5'"  sing N N 48  
C   "C5'" "H5''" sing N N 49  
C   "C4'" "O4'"  sing N N 50  
C   "C4'" "C3'"  sing N N 51  
C   "C4'" "H4'"  sing N N 52  
C   "O4'" "C1'"  sing N N 53  
C   "C3'" "O3'"  sing N N 54  
C   "C3'" "C2'"  sing N N 55  
C   "C3'" "H3'"  sing N N 56  
C   "O3'" "HO3'" sing N N 57  
C   "C2'" "O2'"  sing N N 58  
C   "C2'" "C1'"  sing N N 59  
C   "C2'" "H2'"  sing N N 60  
C   "O2'" "HO2'" sing N N 61  
C   "C1'" N1     sing N N 62  
C   "C1'" "H1'"  sing N N 63  
C   N1    C2     sing N N 64  
C   N1    C6     sing N N 65  
C   C2    O2     doub N N 66  
C   C2    N3     sing N N 67  
C   N3    C4     doub N N 68  
C   C4    N4     sing N N 69  
C   C4    C5     sing N N 70  
C   N4    H41    sing N N 71  
C   N4    H42    sing N N 72  
C   C5    C6     doub N N 73  
C   C5    H5     sing N N 74  
C   C6    H6     sing N N 75  
CBR BR    C5     sing N N 76  
CBR P     OP1    doub N N 77  
CBR P     OP2    sing N N 78  
CBR P     "O5'"  sing N N 79  
CBR P     OP3    sing N N 80  
CBR OP2   HOP2   sing N N 81  
CBR "O5'" "C5'"  sing N N 82  
CBR N1    C6     sing N N 83  
CBR N1    C2     sing N N 84  
CBR N1    "C1'"  sing N N 85  
CBR C6    C5     doub N N 86  
CBR C6    H6     sing N N 87  
CBR C2    O2     doub N N 88  
CBR C2    N3     sing N N 89  
CBR N3    C4     doub N N 90  
CBR C4    N4     sing N N 91  
CBR C4    C5     sing N N 92  
CBR N4    H41    sing N N 93  
CBR N4    H42    sing N N 94  
CBR "C2'" "C1'"  sing N N 95  
CBR "C2'" "C3'"  sing N N 96  
CBR "C2'" "H2'"  sing N N 97  
CBR "C2'" "H2''" sing N N 98  
CBR "C5'" "C4'"  sing N N 99  
CBR "C5'" "H5'"  sing N N 100 
CBR "C5'" "H5''" sing N N 101 
CBR "C4'" "O4'"  sing N N 102 
CBR "C4'" "C3'"  sing N N 103 
CBR "C4'" "H4'"  sing N N 104 
CBR "O4'" "C1'"  sing N N 105 
CBR "C1'" "H1'"  sing N N 106 
CBR "C3'" "O3'"  sing N N 107 
CBR "C3'" "H3'"  sing N N 108 
CBR "O3'" "HO3'" sing N N 109 
CBR OP3   HOP3   sing N N 110 
G   OP3   P      sing N N 111 
G   OP3   HOP3   sing N N 112 
G   P     OP1    doub N N 113 
G   P     OP2    sing N N 114 
G   P     "O5'"  sing N N 115 
G   OP2   HOP2   sing N N 116 
G   "O5'" "C5'"  sing N N 117 
G   "C5'" "C4'"  sing N N 118 
G   "C5'" "H5'"  sing N N 119 
G   "C5'" "H5''" sing N N 120 
G   "C4'" "O4'"  sing N N 121 
G   "C4'" "C3'"  sing N N 122 
G   "C4'" "H4'"  sing N N 123 
G   "O4'" "C1'"  sing N N 124 
G   "C3'" "O3'"  sing N N 125 
G   "C3'" "C2'"  sing N N 126 
G   "C3'" "H3'"  sing N N 127 
G   "O3'" "HO3'" sing N N 128 
G   "C2'" "O2'"  sing N N 129 
G   "C2'" "C1'"  sing N N 130 
G   "C2'" "H2'"  sing N N 131 
G   "O2'" "HO2'" sing N N 132 
G   "C1'" N9     sing N N 133 
G   "C1'" "H1'"  sing N N 134 
G   N9    C8     sing Y N 135 
G   N9    C4     sing Y N 136 
G   C8    N7     doub Y N 137 
G   C8    H8     sing N N 138 
G   N7    C5     sing Y N 139 
G   C5    C6     sing N N 140 
G   C5    C4     doub Y N 141 
G   C6    O6     doub N N 142 
G   C6    N1     sing N N 143 
G   N1    C2     sing N N 144 
G   N1    H1     sing N N 145 
G   C2    N2     sing N N 146 
G   C2    N3     doub N N 147 
G   N2    H21    sing N N 148 
G   N2    H22    sing N N 149 
G   N3    C4     sing N N 150 
U   OP3   P      sing N N 151 
U   OP3   HOP3   sing N N 152 
U   P     OP1    doub N N 153 
U   P     OP2    sing N N 154 
U   P     "O5'"  sing N N 155 
U   OP2   HOP2   sing N N 156 
U   "O5'" "C5'"  sing N N 157 
U   "C5'" "C4'"  sing N N 158 
U   "C5'" "H5'"  sing N N 159 
U   "C5'" "H5''" sing N N 160 
U   "C4'" "O4'"  sing N N 161 
U   "C4'" "C3'"  sing N N 162 
U   "C4'" "H4'"  sing N N 163 
U   "O4'" "C1'"  sing N N 164 
U   "C3'" "O3'"  sing N N 165 
U   "C3'" "C2'"  sing N N 166 
U   "C3'" "H3'"  sing N N 167 
U   "O3'" "HO3'" sing N N 168 
U   "C2'" "O2'"  sing N N 169 
U   "C2'" "C1'"  sing N N 170 
U   "C2'" "H2'"  sing N N 171 
U   "O2'" "HO2'" sing N N 172 
U   "C1'" N1     sing N N 173 
U   "C1'" "H1'"  sing N N 174 
U   N1    C2     sing N N 175 
U   N1    C6     sing N N 176 
U   C2    O2     doub N N 177 
U   C2    N3     sing N N 178 
U   N3    C4     sing N N 179 
U   N3    H3     sing N N 180 
U   C4    O4     doub N N 181 
U   C4    C5     sing N N 182 
U   C5    C6     doub N N 183 
U   C5    H5     sing N N 184 
U   C6    H6     sing N N 185 
# 
loop_
_ndb_struct_conf_na.entry_id 
_ndb_struct_conf_na.feature 
7ECJ 'double helix'        
7ECJ 'a-form double helix' 
# 
loop_
_ndb_struct_na_base_pair.model_number 
_ndb_struct_na_base_pair.i_label_asym_id 
_ndb_struct_na_base_pair.i_label_comp_id 
_ndb_struct_na_base_pair.i_label_seq_id 
_ndb_struct_na_base_pair.i_symmetry 
_ndb_struct_na_base_pair.j_label_asym_id 
_ndb_struct_na_base_pair.j_label_comp_id 
_ndb_struct_na_base_pair.j_label_seq_id 
_ndb_struct_na_base_pair.j_symmetry 
_ndb_struct_na_base_pair.shear 
_ndb_struct_na_base_pair.stretch 
_ndb_struct_na_base_pair.stagger 
_ndb_struct_na_base_pair.buckle 
_ndb_struct_na_base_pair.propeller 
_ndb_struct_na_base_pair.opening 
_ndb_struct_na_base_pair.pair_number 
_ndb_struct_na_base_pair.pair_name 
_ndb_struct_na_base_pair.i_auth_asym_id 
_ndb_struct_na_base_pair.i_auth_seq_id 
_ndb_struct_na_base_pair.i_PDB_ins_code 
_ndb_struct_na_base_pair.j_auth_asym_id 
_ndb_struct_na_base_pair.j_auth_seq_id 
_ndb_struct_na_base_pair.j_PDB_ins_code 
_ndb_struct_na_base_pair.hbond_type_28 
_ndb_struct_na_base_pair.hbond_type_12 
1 A G   1  1_555 B C   12 1_555 -0.133 -0.211 -0.026 -9.591 -1.430  -0.290 1  A_G1:C12_B  A 1  ? B 12 ? 19 1 
1 A G   2  1_555 B C   11 1_555 0.168  -0.294 0.019  0.496  -4.652  4.555  2  A_G2:C11_B  A 2  ? B 11 ? 19 1 
1 A A   3  1_555 B U   10 1_555 1.016  -0.229 0.092  8.657  -7.258  -3.393 3  A_A3:U10_B  A 3  ? B 10 ? 20 1 
1 A C   4  1_555 B A   9  1_555 1.866  -0.598 0.174  -8.216 -10.225 -3.780 4  A_C4:A9_B   A 4  ? B 9  ? ?  1 
1 A U   5  1_555 B A   8  1_555 -0.068 -0.225 0.277  -6.663 -7.994  1.714  5  A_U5:A8_B   A 5  ? B 8  ? 20 1 
1 A CBR 6  1_555 B G   7  1_555 -0.292 -0.158 -0.015 3.427  -13.998 1.111  6  A_CBR6:G7_B A 6  ? B 7  ? 19 1 
1 A G   7  1_555 B CBR 6  1_555 0.305  -0.089 -0.218 -5.709 -9.557  -0.851 7  A_G7:CBR6_B A 7  ? B 6  ? 19 1 
1 A A   8  1_555 B U   5  1_555 0.242  -0.043 -0.463 -9.722 -9.619  -0.822 8  A_A8:U5_B   A 8  ? B 5  ? 20 1 
1 A A   9  1_555 B C   4  1_555 -1.611 -0.354 -0.725 -2.503 -23.134 19.161 9  A_A9:C4_B   A 9  ? B 4  ? ?  1 
1 A U   10 1_555 B A   3  1_555 0.123  0.011  -0.222 10.317 -7.756  -1.352 10 A_U10:A3_B  A 10 ? B 3  ? 20 1 
1 A C   11 1_555 B G   2  1_555 0.401  -0.044 -0.266 2.435  -12.484 -8.270 11 A_C11:G2_B  A 11 ? B 2  ? 19 1 
1 A C   12 1_555 B G   1  1_555 0.467  -0.109 0.150  8.014  -3.466  1.455  12 A_C12:G1_B  A 12 ? B 1  ? 19 1 
# 
loop_
_ndb_struct_na_base_pair_step.model_number 
_ndb_struct_na_base_pair_step.i_label_asym_id_1 
_ndb_struct_na_base_pair_step.i_label_comp_id_1 
_ndb_struct_na_base_pair_step.i_label_seq_id_1 
_ndb_struct_na_base_pair_step.i_symmetry_1 
_ndb_struct_na_base_pair_step.j_label_asym_id_1 
_ndb_struct_na_base_pair_step.j_label_comp_id_1 
_ndb_struct_na_base_pair_step.j_label_seq_id_1 
_ndb_struct_na_base_pair_step.j_symmetry_1 
_ndb_struct_na_base_pair_step.i_label_asym_id_2 
_ndb_struct_na_base_pair_step.i_label_comp_id_2 
_ndb_struct_na_base_pair_step.i_label_seq_id_2 
_ndb_struct_na_base_pair_step.i_symmetry_2 
_ndb_struct_na_base_pair_step.j_label_asym_id_2 
_ndb_struct_na_base_pair_step.j_label_comp_id_2 
_ndb_struct_na_base_pair_step.j_label_seq_id_2 
_ndb_struct_na_base_pair_step.j_symmetry_2 
_ndb_struct_na_base_pair_step.shift 
_ndb_struct_na_base_pair_step.slide 
_ndb_struct_na_base_pair_step.rise 
_ndb_struct_na_base_pair_step.tilt 
_ndb_struct_na_base_pair_step.roll 
_ndb_struct_na_base_pair_step.twist 
_ndb_struct_na_base_pair_step.x_displacement 
_ndb_struct_na_base_pair_step.y_displacement 
_ndb_struct_na_base_pair_step.helical_rise 
_ndb_struct_na_base_pair_step.inclination 
_ndb_struct_na_base_pair_step.tip 
_ndb_struct_na_base_pair_step.helical_twist 
_ndb_struct_na_base_pair_step.step_number 
_ndb_struct_na_base_pair_step.step_name 
_ndb_struct_na_base_pair_step.i_auth_asym_id_1 
_ndb_struct_na_base_pair_step.i_auth_seq_id_1 
_ndb_struct_na_base_pair_step.i_PDB_ins_code_1 
_ndb_struct_na_base_pair_step.j_auth_asym_id_1 
_ndb_struct_na_base_pair_step.j_auth_seq_id_1 
_ndb_struct_na_base_pair_step.j_PDB_ins_code_1 
_ndb_struct_na_base_pair_step.i_auth_asym_id_2 
_ndb_struct_na_base_pair_step.i_auth_seq_id_2 
_ndb_struct_na_base_pair_step.i_PDB_ins_code_2 
_ndb_struct_na_base_pair_step.j_auth_asym_id_2 
_ndb_struct_na_base_pair_step.j_auth_seq_id_2 
_ndb_struct_na_base_pair_step.j_PDB_ins_code_2 
1 A G   1  1_555 B C   12 1_555 A G   2  1_555 B C   11 1_555 0.287  -1.443 2.988 1.701  0.337  37.143 -2.305 -0.243 2.985 0.529  
-2.669 37.182 1  AA_G1G2:C11C12_BB   A 1  ? B 12 ? A 2  ? B 11 ? 
1 A G   2  1_555 B C   11 1_555 A A   3  1_555 B U   10 1_555 -0.125 -1.846 3.021 1.981  3.011  32.603 -3.734 0.527  2.832 5.343  
-3.515 32.796 2  AA_G2A3:U10C11_BB   A 2  ? B 11 ? A 3  ? B 10 ? 
1 A A   3  1_555 B U   10 1_555 A C   4  1_555 B A   9  1_555 0.619  -1.711 3.559 5.093  12.816 34.422 -4.444 -0.281 2.826 20.659 
-8.209 37.004 3  AA_A3C4:A9U10_BB    A 3  ? B 10 ? A 4  ? B 9  ? 
1 A C   4  1_555 B A   9  1_555 A U   5  1_555 B A   8  1_555 -0.655 -2.157 2.800 0.940  17.355 24.008 -6.608 1.412  1.014 36.259 
-1.963 29.564 4  AA_C4U5:A8A9_BB     A 4  ? B 9  ? A 5  ? B 8  ? 
1 A U   5  1_555 B A   8  1_555 A CBR 6  1_555 B G   7  1_555 -0.313 -1.667 2.990 1.996  8.737  26.166 -5.254 1.058  2.294 18.617 
-4.253 27.633 5  AA_U5CBR6:G7A8_BB   A 5  ? B 8  ? A 6  ? B 7  ? 
1 A CBR 6  1_555 B G   7  1_555 A G   7  1_555 B CBR 6  1_555 0.624  -1.417 3.456 0.644  15.947 36.361 -3.915 -0.847 2.642 24.175 
-0.977 39.601 6  AA_CBR6G7:CBR6G7_BB A 6  ? B 7  ? A 7  ? B 6  ? 
1 A G   7  1_555 B CBR 6  1_555 A A   8  1_555 B U   5  1_555 -0.198 -1.888 3.423 0.587  5.759  28.310 -5.051 0.526  2.984 11.621 
-1.184 28.884 7  AA_G7A8:U5CBR6_BB   A 7  ? B 6  ? A 8  ? B 5  ? 
1 A A   8  1_555 B U   5  1_555 A A   9  1_555 B C   4  1_555 1.198  -1.174 3.140 2.605  10.560 21.278 -5.945 -2.129 2.419 26.484 
-6.534 23.868 8  AA_A8A9:C4U5_BB     A 8  ? B 5  ? A 9  ? B 4  ? 
1 A A   9  1_555 B C   4  1_555 A U   10 1_555 B A   3  1_555 -1.497 -0.799 3.056 -7.535 5.784  38.085 -1.855 1.365  3.135 8.699  
11.333 39.209 9  AA_A9U10:A3C4_BB    A 9  ? B 4  ? A 10 ? B 3  ? 
1 A U   10 1_555 B A   3  1_555 A C   11 1_555 B G   2  1_555 -0.583 -1.576 3.462 2.113  9.449  29.202 -4.790 1.506  2.781 18.124 
-4.052 30.732 10 AA_U10C11:G2A3_BB   A 10 ? B 3  ? A 11 ? B 2  ? 
1 A C   11 1_555 B G   2  1_555 A C   12 1_555 B G   1  1_555 0.483  -1.901 2.964 0.195  10.476 34.957 -4.240 -0.750 2.320 16.974 
-0.315 36.447 11 AA_C11C12:G1G2_BB   A 11 ? B 2  ? A 12 ? B 1  ? 
# 
_pdbx_audit_support.funding_organization   'Ministry of Education, Culture, Sports, Science and Technology (Japan)' 
_pdbx_audit_support.country                Japan 
_pdbx_audit_support.grant_number           24245037 
_pdbx_audit_support.ordinal                1 
# 
_atom_sites.entry_id                    7ECJ 
_atom_sites.Cartn_transf_matrix[1][1]   ? 
_atom_sites.Cartn_transf_matrix[1][2]   ? 
_atom_sites.Cartn_transf_matrix[1][3]   ? 
_atom_sites.Cartn_transf_matrix[2][1]   ? 
_atom_sites.Cartn_transf_matrix[2][2]   ? 
_atom_sites.Cartn_transf_matrix[2][3]   ? 
_atom_sites.Cartn_transf_matrix[3][1]   ? 
_atom_sites.Cartn_transf_matrix[3][2]   ? 
_atom_sites.Cartn_transf_matrix[3][3]   ? 
_atom_sites.Cartn_transf_vector[1]      ? 
_atom_sites.Cartn_transf_vector[2]      ? 
_atom_sites.Cartn_transf_vector[3]      ? 
_atom_sites.fract_transf_matrix[1][1]   0.02041716 
_atom_sites.fract_transf_matrix[1][2]   0.00156421 
_atom_sites.fract_transf_matrix[1][3]   -0.01283507 
_atom_sites.fract_transf_matrix[2][1]   0.00814658 
_atom_sites.fract_transf_matrix[2][2]   -0.01924373 
_atom_sites.fract_transf_matrix[2][3]   -0.01213903 
_atom_sites.fract_transf_matrix[3][1]   -0.00282395 
_atom_sites.fract_transf_matrix[3][2]   0.00152123 
_atom_sites.fract_transf_matrix[3][3]   -0.00430675 
_atom_sites.fract_transf_vector[1]      0.106926 
_atom_sites.fract_transf_vector[2]      0.357172 
_atom_sites.fract_transf_vector[3]      0.139693 
_atom_sites.solution_primary            ? 
_atom_sites.solution_secondary          ? 
_atom_sites.solution_hydrogens          ? 
_atom_sites.special_details             ? 
# 
loop_
_atom_type.symbol 
BR 
C  
N  
O  
P  
# 
loop_
_atom_site.group_PDB 
_atom_site.id 
_atom_site.type_symbol 
_atom_site.label_atom_id 
_atom_site.label_alt_id 
_atom_site.label_comp_id 
_atom_site.label_asym_id 
_atom_site.label_entity_id 
_atom_site.label_seq_id 
_atom_site.pdbx_PDB_ins_code 
_atom_site.Cartn_x 
_atom_site.Cartn_y 
_atom_site.Cartn_z 
_atom_site.occupancy 
_atom_site.B_iso_or_equiv 
_atom_site.pdbx_formal_charge 
_atom_site.auth_seq_id 
_atom_site.auth_comp_id 
_atom_site.auth_asym_id 
_atom_site.auth_atom_id 
_atom_site.pdbx_PDB_model_num 
ATOM   1   O  "O5'" . G   A 1 1  ? 4.113   -5.217  21.552  1.00 60.35  ? 1  G   A "O5'" 1 
ATOM   2   C  "C5'" . G   A 1 1  ? 3.463   -4.263  22.380  1.00 65.47  ? 1  G   A "C5'" 1 
ATOM   3   C  "C4'" . G   A 1 1  ? 4.440   -3.243  22.899  1.00 56.13  ? 1  G   A "C4'" 1 
ATOM   4   O  "O4'" . G   A 1 1  ? 5.391   -3.886  23.789  1.00 58.25  ? 1  G   A "O4'" 1 
ATOM   5   C  "C3'" . G   A 1 1  ? 5.303   -2.599  21.840  1.00 59.66  ? 1  G   A "C3'" 1 
ATOM   6   O  "O3'" . G   A 1 1  ? 4.639   -1.548  21.162  1.00 63.36  ? 1  G   A "O3'" 1 
ATOM   7   C  "C2'" . G   A 1 1  ? 6.530   -2.173  22.636  1.00 64.06  ? 1  G   A "C2'" 1 
ATOM   8   O  "O2'" . G   A 1 1  ? 6.253   -1.014  23.399  1.00 71.65  ? 1  G   A "O2'" 1 
ATOM   9   C  "C1'" . G   A 1 1  ? 6.676   -3.344  23.602  1.00 54.65  ? 1  G   A "C1'" 1 
ATOM   10  N  N9    . G   A 1 1  ? 7.522   -4.409  23.044  1.00 54.41  ? 1  G   A N9    1 
ATOM   11  C  C8    . G   A 1 1  ? 7.107   -5.688  22.773  1.00 54.55  ? 1  G   A C8    1 
ATOM   12  N  N7    . G   A 1 1  ? 8.050   -6.436  22.263  1.00 59.64  ? 1  G   A N7    1 
ATOM   13  C  C5    . G   A 1 1  ? 9.154   -5.586  22.180  1.00 59.13  ? 1  G   A C5    1 
ATOM   14  C  C6    . G   A 1 1  ? 10.478  -5.831  21.706  1.00 53.72  ? 1  G   A C6    1 
ATOM   15  O  O6    . G   A 1 1  ? 10.987  -6.865  21.255  1.00 50.12  ? 1  G   A O6    1 
ATOM   16  N  N1    . G   A 1 1  ? 11.259  -4.702  21.795  1.00 53.67  ? 1  G   A N1    1 
ATOM   17  C  C2    . G   A 1 1  ? 10.826  -3.503  22.278  1.00 56.50  ? 1  G   A C2    1 
ATOM   18  N  N2    . G   A 1 1  ? 11.758  -2.551  22.265  1.00 61.38  ? 1  G   A N2    1 
ATOM   19  N  N3    . G   A 1 1  ? 9.619   -3.248  22.741  1.00 52.31  ? 1  G   A N3    1 
ATOM   20  C  C4    . G   A 1 1  ? 8.837   -4.330  22.661  1.00 55.59  ? 1  G   A C4    1 
ATOM   21  P  P     . G   A 1 2  ? 4.690   -1.460  19.550  1.00 85.47  ? 2  G   A P     1 
ATOM   22  O  OP1   . G   A 1 2  ? 3.576   -0.533  19.207  1.00 82.17  ? 2  G   A OP1   1 
ATOM   23  O  OP2   . G   A 1 2  ? 4.632   -2.827  18.911  1.00 74.22  ? 2  G   A OP2   1 
ATOM   24  O  "O5'" . G   A 1 2  ? 6.103   -0.747  19.265  1.00 59.98  ? 2  G   A "O5'" 1 
ATOM   25  C  "C5'" . G   A 1 2  ? 6.420   0.487   19.903  1.00 66.98  ? 2  G   A "C5'" 1 
ATOM   26  C  "C4'" . G   A 1 2  ? 7.882   0.856   19.798  1.00 67.25  ? 2  G   A "C4'" 1 
ATOM   27  O  "O4'" . G   A 1 2  ? 8.691   -0.013  20.643  1.00 65.33  ? 2  G   A "O4'" 1 
ATOM   28  C  "C3'" . G   A 1 2  ? 8.516   0.735   18.422  1.00 63.95  ? 2  G   A "C3'" 1 
ATOM   29  O  "O3'" . G   A 1 2  ? 8.249   1.856   17.594  1.00 61.27  ? 2  G   A "O3'" 1 
ATOM   30  C  "C2'" . G   A 1 2  ? 9.987   0.585   18.756  1.00 61.74  ? 2  G   A "C2'" 1 
ATOM   31  O  "O2'" . G   A 1 2  ? 10.494  1.845   19.148  1.00 58.48  ? 2  G   A "O2'" 1 
ATOM   32  C  "C1'" . G   A 1 2  ? 9.910   -0.314  19.993  1.00 66.19  ? 2  G   A "C1'" 1 
ATOM   33  N  N9    . G   A 1 2  ? 9.887   -1.746  19.605  1.00 59.50  ? 2  G   A N9    1 
ATOM   34  C  C8    . G   A 1 2  ? 8.765   -2.542  19.537  1.00 61.84  ? 2  G   A C8    1 
ATOM   35  N  N7    . G   A 1 2  ? 8.971   -3.773  19.148  1.00 55.58  ? 2  G   A N7    1 
ATOM   36  C  C5    . G   A 1 2  ? 10.323  -3.798  18.918  1.00 56.73  ? 2  G   A C5    1 
ATOM   37  C  C6    . G   A 1 2  ? 11.099  -4.900  18.459  1.00 56.35  ? 2  G   A C6    1 
ATOM   38  O  O6    . G   A 1 2  ? 10.717  -6.055  18.167  1.00 49.42  ? 2  G   A O6    1 
ATOM   39  N  N1    . G   A 1 2  ? 12.445  -4.519  18.373  1.00 57.58  ? 2  G   A N1    1 
ATOM   40  C  C2    . G   A 1 2  ? 12.936  -3.250  18.672  1.00 55.61  ? 2  G   A C2    1 
ATOM   41  N  N2    . G   A 1 2  ? 14.250  -3.109  18.496  1.00 48.96  ? 2  G   A N2    1 
ATOM   42  N  N3    . G   A 1 2  ? 12.210  -2.212  19.100  1.00 53.05  ? 2  G   A N3    1 
ATOM   43  C  C4    . G   A 1 2  ? 10.913  -2.558  19.196  1.00 55.04  ? 2  G   A C4    1 
ATOM   44  P  P     . A   A 1 3  ? 7.924   1.654   16.024  1.00 67.76  ? 3  A   A P     1 
ATOM   45  O  OP1   . A   A 1 3  ? 7.077   2.796   15.590  1.00 68.03  ? 3  A   A OP1   1 
ATOM   46  O  OP2   . A   A 1 3  ? 7.361   0.309   15.711  1.00 53.89  ? 3  A   A OP2   1 
ATOM   47  O  "O5'" . A   A 1 3  ? 9.367   1.734   15.340  1.00 64.74  ? 3  A   A "O5'" 1 
ATOM   48  C  "C5'" . A   A 1 3  ? 10.458  2.406   15.961  1.00 59.29  ? 3  A   A "C5'" 1 
ATOM   49  C  "C4'" . A   A 1 3  ? 11.778  1.804   15.551  1.00 56.98  ? 3  A   A "C4'" 1 
ATOM   50  O  "O4'" . A   A 1 3  ? 12.065  0.625   16.357  1.00 61.56  ? 3  A   A "O4'" 1 
ATOM   51  C  "C3'" . A   A 1 3  ? 11.872  1.285   14.125  1.00 51.76  ? 3  A   A "C3'" 1 
ATOM   52  O  "O3'" . A   A 1 3  ? 12.003  2.298   13.149  1.00 46.12  ? 3  A   A "O3'" 1 
ATOM   53  C  "C2'" . A   A 1 3  ? 13.061  0.332   14.217  1.00 60.39  ? 3  A   A "C2'" 1 
ATOM   54  O  "O2'" . A   A 1 3  ? 14.288  1.050   14.287  1.00 62.03  ? 3  A   A "O2'" 1 
ATOM   55  C  "C1'" . A   A 1 3  ? 12.817  -0.304  15.588  1.00 59.87  ? 3  A   A "C1'" 1 
ATOM   56  N  N9    . A   A 1 3  ? 12.066  -1.577  15.482  1.00 55.57  ? 3  A   A N9    1 
ATOM   57  C  C8    . A   A 1 3  ? 10.725  -1.755  15.610  1.00 54.74  ? 3  A   A C8    1 
ATOM   58  N  N7    . A   A 1 3  ? 10.345  -2.998  15.457  1.00 56.50  ? 3  A   A N7    1 
ATOM   59  C  C5    . A   A 1 3  ? 11.496  -3.712  15.215  1.00 50.02  ? 3  A   A C5    1 
ATOM   60  C  C6    . A   A 1 3  ? 11.735  -5.091  14.983  1.00 50.56  ? 3  A   A C6    1 
ATOM   61  N  N6    . A   A 1 3  ? 10.787  -6.047  14.946  1.00 43.21  ? 3  A   A N6    1 
ATOM   62  N  N1    . A   A 1 3  ? 13.025  -5.462  14.768  1.00 49.51  ? 3  A   A N1    1 
ATOM   63  C  C2    . A   A 1 3  ? 13.971  -4.511  14.806  1.00 50.60  ? 3  A   A C2    1 
ATOM   64  N  N3    . A   A 1 3  ? 13.858  -3.192  15.028  1.00 56.42  ? 3  A   A N3    1 
ATOM   65  C  C4    . A   A 1 3  ? 12.571  -2.841  15.221  1.00 54.01  ? 3  A   A C4    1 
ATOM   66  P  P     . C   A 1 4  ? 11.248  2.160   11.714  1.00 77.15  ? 4  C   A P     1 
ATOM   67  O  OP1   . C   A 1 4  ? 11.409  3.505   11.073  1.00 51.84  ? 4  C   A OP1   1 
ATOM   68  O  OP2   . C   A 1 4  ? 9.857   1.595   11.730  1.00 58.26  ? 4  C   A OP2   1 
ATOM   69  O  "O5'" . C   A 1 4  ? 12.051  0.994   10.975  1.00 57.50  ? 4  C   A "O5'" 1 
ATOM   70  C  "C5'" . C   A 1 4  ? 13.443  1.118   10.753  1.00 58.50  ? 4  C   A "C5'" 1 
ATOM   71  C  "C4'" . C   A 1 4  ? 14.077  -0.207  10.428  1.00 61.36  ? 4  C   A "C4'" 1 
ATOM   72  O  "O4'" . C   A 1 4  ? 13.999  -1.106  11.574  1.00 52.85  ? 4  C   A "O4'" 1 
ATOM   73  C  "C3'" . C   A 1 4  ? 13.449  -1.022  9.302   1.00 65.20  ? 4  C   A "C3'" 1 
ATOM   74  O  "O3'" . C   A 1 4  ? 13.714  -0.547  7.980   1.00 64.04  ? 4  C   A "O3'" 1 
ATOM   75  C  "C2'" . C   A 1 4  ? 14.021  -2.400  9.583   1.00 56.58  ? 4  C   A "C2'" 1 
ATOM   76  O  "O2'" . C   A 1 4  ? 15.389  -2.439  9.199   1.00 53.07  ? 4  C   A "O2'" 1 
ATOM   77  C  "C1'" . C   A 1 4  ? 13.919  -2.440  11.119  1.00 51.05  ? 4  C   A "C1'" 1 
ATOM   78  N  N1    . C   A 1 4  ? 12.612  -3.014  11.525  1.00 50.49  ? 4  C   A N1    1 
ATOM   79  C  C2    . C   A 1 4  ? 12.507  -4.406  11.347  1.00 50.44  ? 4  C   A C2    1 
ATOM   80  O  O2    . C   A 1 4  ? 13.498  -5.022  10.928  1.00 50.98  ? 4  C   A O2    1 
ATOM   81  N  N3    . C   A 1 4  ? 11.361  -5.065  11.629  1.00 48.00  ? 4  C   A N3    1 
ATOM   82  C  C4    . C   A 1 4  ? 10.327  -4.362  12.071  1.00 50.68  ? 4  C   A C4    1 
ATOM   83  N  N4    . C   A 1 4  ? 9.238   -5.091  12.316  1.00 45.99  ? 4  C   A N4    1 
ATOM   84  C  C5    . C   A 1 4  ? 10.388  -2.932  12.264  1.00 48.42  ? 4  C   A C5    1 
ATOM   85  C  C6    . C   A 1 4  ? 11.533  -2.288  11.975  1.00 49.91  ? 4  C   A C6    1 
ATOM   86  P  P     . U   A 1 5  ? 12.660  -0.851  6.798   1.00 59.94  ? 5  U   A P     1 
ATOM   87  O  OP1   . U   A 1 5  ? 12.819  0.152   5.717   1.00 72.43  ? 5  U   A OP1   1 
ATOM   88  O  OP2   . U   A 1 5  ? 11.320  -0.941  7.428   1.00 67.41  ? 5  U   A OP2   1 
ATOM   89  O  "O5'" . U   A 1 5  ? 13.087  -2.284  6.241   1.00 41.24  ? 5  U   A "O5'" 1 
ATOM   90  C  "C5'" . U   A 1 5  ? 14.400  -2.487  5.756   1.00 52.39  ? 5  U   A "C5'" 1 
ATOM   91  C  "C4'" . U   A 1 5  ? 14.603  -3.905  5.307   1.00 53.13  ? 5  U   A "C4'" 1 
ATOM   92  O  "O4'" . U   A 1 5  ? 14.687  -4.780  6.469   1.00 59.80  ? 5  U   A "O4'" 1 
ATOM   93  C  "C3'" . U   A 1 5  ? 13.478  -4.496  4.482   1.00 52.90  ? 5  U   A "C3'" 1 
ATOM   94  O  "O3'" . U   A 1 5  ? 13.537  -4.118  3.113   1.00 56.71  ? 5  U   A "O3'" 1 
ATOM   95  C  "C2'" . U   A 1 5  ? 13.666  -5.985  4.720   1.00 51.10  ? 5  U   A "C2'" 1 
ATOM   96  O  "O2'" . U   A 1 5  ? 14.815  -6.414  4.030   1.00 61.68  ? 5  U   A "O2'" 1 
ATOM   97  C  "C1'" . U   A 1 5  ? 14.030  -6.002  6.196   1.00 51.04  ? 5  U   A "C1'" 1 
ATOM   98  N  N1    . U   A 1 5  ? 12.826  -6.106  7.057   1.00 50.34  ? 5  U   A N1    1 
ATOM   99  C  C2    . U   A 1 5  ? 12.188  -7.333  7.220   1.00 46.89  ? 5  U   A C2    1 
ATOM   100 O  O2    . U   A 1 5  ? 12.553  -8.381  6.718   1.00 43.28  ? 5  U   A O2    1 
ATOM   101 N  N3    . U   A 1 5  ? 11.073  -7.299  8.016   1.00 44.56  ? 5  U   A N3    1 
ATOM   102 C  C4    . U   A 1 5  ? 10.547  -6.202  8.659   1.00 45.98  ? 5  U   A C4    1 
ATOM   103 O  O4    . U   A 1 5  ? 9.545   -6.321  9.365   1.00 50.35  ? 5  U   A O4    1 
ATOM   104 C  C5    . U   A 1 5  ? 11.253  -4.985  8.430   1.00 47.78  ? 5  U   A C5    1 
ATOM   105 C  C6    . U   A 1 5  ? 12.339  -4.976  7.667   1.00 48.26  ? 5  U   A C6    1 
HETATM 106 BR BR    . CBR A 1 6  ? 9.129   -4.903  5.590   1.00 80.50  ? 6  CBR A BR    1 
HETATM 107 P  P     . CBR A 1 6  ? 12.195  -3.802  2.273   1.00 57.73  ? 6  CBR A P     1 
HETATM 108 O  OP1   . CBR A 1 6  ? 12.520  -3.179  0.936   1.00 61.51  ? 6  CBR A OP1   1 
HETATM 109 O  OP2   . CBR A 1 6  ? 11.022  -3.227  3.030   1.00 56.57  ? 6  CBR A OP2   1 
HETATM 110 O  "O5'" . CBR A 1 6  ? 11.557  -5.426  1.870   1.00 42.70  ? 6  CBR A "O5'" 1 
HETATM 111 N  N1    . CBR A 1 6  ? 10.063  -8.510  3.942   1.00 42.63  ? 6  CBR A N1    1 
HETATM 112 C  C6    . CBR A 1 6  ? 10.035  -7.197  4.240   1.00 40.88  ? 6  CBR A C6    1 
HETATM 113 C  C2    . CBR A 1 6  ? 9.214   -9.472  4.635   1.00 43.09  ? 6  CBR A C2    1 
HETATM 114 O  O2    . CBR A 1 6  ? 9.259   -10.660 4.369   1.00 40.34  ? 6  CBR A O2    1 
HETATM 115 N  N3    . CBR A 1 6  ? 8.356   -8.987  5.614   1.00 48.53  ? 6  CBR A N3    1 
HETATM 116 C  C4    . CBR A 1 6  ? 8.352   -7.669  5.887   1.00 51.45  ? 6  CBR A C4    1 
HETATM 117 N  N4    . CBR A 1 6  ? 7.483   -7.223  6.883   1.00 50.57  ? 6  CBR A N4    1 
HETATM 118 C  C5    . CBR A 1 6  ? 9.199   -6.759  5.196   1.00 44.18  ? 6  CBR A C5    1 
HETATM 119 C  "C2'" . CBR A 1 6  ? 10.143  -9.109  1.544   1.00 36.49  ? 6  CBR A "C2'" 1 
HETATM 120 C  "C5'" . CBR A 1 6  ? 12.472  -6.189  1.307   1.00 44.19  ? 6  CBR A "C5'" 1 
HETATM 121 C  "C4'" . CBR A 1 6  ? 11.957  -7.605  1.347   1.00 46.23  ? 6  CBR A "C4'" 1 
HETATM 122 O  "O4'" . CBR A 1 6  ? 11.883  -7.942  2.710   1.00 45.31  ? 6  CBR A "O4'" 1 
HETATM 123 C  "C1'" . CBR A 1 6  ? 10.965  -8.976  2.865   1.00 43.53  ? 6  CBR A "C1'" 1 
HETATM 124 C  "C3'" . CBR A 1 6  ? 10.468  -7.736  0.929   1.00 42.26  ? 6  CBR A "C3'" 1 
HETATM 125 O  "O3'" . CBR A 1 6  ? 10.310  -7.717  -0.469  1.00 43.31  ? 6  CBR A "O3'" 1 
ATOM   126 P  P     . G   A 1 7  ? 8.912   -7.213  -1.104  1.00 53.14  ? 7  G   A P     1 
ATOM   127 O  OP1   . G   A 1 7  ? 9.002   -7.205  -2.576  1.00 47.09  ? 7  G   A OP1   1 
ATOM   128 O  OP2   . G   A 1 7  ? 8.487   -6.004  -0.349  1.00 56.52  ? 7  G   A OP2   1 
ATOM   129 O  "O5'" . G   A 1 7  ? 7.822   -8.309  -0.710  1.00 38.35  ? 7  G   A "O5'" 1 
ATOM   130 C  "C5'" . G   A 1 7  ? 7.879   -9.624  -1.209  1.00 32.02  ? 7  G   A "C5'" 1 
ATOM   131 C  "C4'" . G   A 1 7  ? 6.856   -10.454 -0.516  1.00 38.88  ? 7  G   A "C4'" 1 
ATOM   132 O  "O4'" . G   A 1 7  ? 7.191   -10.546 0.883   1.00 53.00  ? 7  G   A "O4'" 1 
ATOM   133 C  "C3'" . G   A 1 7  ? 5.456   -9.872  -0.477  1.00 44.50  ? 7  G   A "C3'" 1 
ATOM   134 O  "O3'" . G   A 1 7  ? 4.749   -10.035 -1.683  1.00 57.33  ? 7  G   A "O3'" 1 
ATOM   135 C  "C2'" . G   A 1 7  ? 4.848   -10.640 0.675   1.00 44.02  ? 7  G   A "C2'" 1 
ATOM   136 O  "O2'" . G   A 1 7  ? 4.684   -11.997 0.298   1.00 46.40  ? 7  G   A "O2'" 1 
ATOM   137 C  "C1'" . G   A 1 7  ? 5.993   -10.602 1.655   1.00 46.71  ? 7  G   A "C1'" 1 
ATOM   138 N  N9    . G   A 1 7  ? 5.893   -9.448  2.582   1.00 48.41  ? 7  G   A N9    1 
ATOM   139 C  C8    . G   A 1 7  ? 6.604   -8.263  2.594   1.00 45.95  ? 7  G   A C8    1 
ATOM   140 N  N7    . G   A 1 7  ? 6.266   -7.475  3.586   1.00 47.89  ? 7  G   A N7    1 
ATOM   141 C  C5    . G   A 1 7  ? 5.286   -8.176  4.280   1.00 49.33  ? 7  G   A C5    1 
ATOM   142 C  C6    . G   A 1 7  ? 4.553   -7.829  5.441   1.00 53.49  ? 7  G   A C6    1 
ATOM   143 O  O6    . G   A 1 7  ? 4.627   -6.790  6.115   1.00 64.79  ? 7  G   A O6    1 
ATOM   144 N  N1    . G   A 1 7  ? 3.664   -8.821  5.800   1.00 46.44  ? 7  G   A N1    1 
ATOM   145 C  C2    . G   A 1 7  ? 3.506   -9.993  5.131   1.00 46.74  ? 7  G   A C2    1 
ATOM   146 N  N2    . G   A 1 7  ? 2.598   -10.832 5.639   1.00 56.32  ? 7  G   A N2    1 
ATOM   147 N  N3    . G   A 1 7  ? 4.169   -10.337 4.050   1.00 42.34  ? 7  G   A N3    1 
ATOM   148 C  C4    . G   A 1 7  ? 5.041   -9.388  3.676   1.00 47.33  ? 7  G   A C4    1 
ATOM   149 P  P     . A   A 1 8  ? 3.394   -9.232  -1.941  1.00 49.05  ? 8  A   A P     1 
ATOM   150 O  OP1   . A   A 1 8  ? 2.881   -9.777  -3.223  1.00 47.22  ? 8  A   A OP1   1 
ATOM   151 O  OP2   . A   A 1 8  ? 3.622   -7.772  -1.764  1.00 59.27  ? 8  A   A OP2   1 
ATOM   152 O  "O5'" . A   A 1 8  ? 2.435   -9.689  -0.764  1.00 42.04  ? 8  A   A "O5'" 1 
ATOM   153 C  "C5'" . A   A 1 8  ? 1.608   -10.810 -0.961  1.00 51.23  ? 8  A   A "C5'" 1 
ATOM   154 C  "C4'" . A   A 1 8  ? 0.692   -11.034 0.201   1.00 47.21  ? 8  A   A "C4'" 1 
ATOM   155 O  "O4'" . A   A 1 8  ? 1.407   -10.892 1.433   1.00 44.88  ? 8  A   A "O4'" 1 
ATOM   156 C  "C3'" . A   A 1 8  ? -0.438  -10.063 0.337   1.00 50.59  ? 8  A   A "C3'" 1 
ATOM   157 O  "O3'" . A   A 1 8  ? -1.494  -10.382 -0.526  1.00 65.89  ? 8  A   A "O3'" 1 
ATOM   158 C  "C2'" . A   A 1 8  ? -0.811  -10.217 1.789   1.00 54.98  ? 8  A   A "C2'" 1 
ATOM   159 O  "O2'" . A   A 1 8  ? -1.536  -11.419 1.972   1.00 65.88  ? 8  A   A "O2'" 1 
ATOM   160 C  "C1'" . A   A 1 8  ? 0.552   -10.389 2.415   1.00 47.08  ? 8  A   A "C1'" 1 
ATOM   161 N  N9    . A   A 1 8  ? 1.087   -9.107  2.854   1.00 51.55  ? 8  A   A N9    1 
ATOM   162 C  C8    . A   A 1 8  ? 2.074   -8.328  2.314   1.00 51.34  ? 8  A   A C8    1 
ATOM   163 N  N7    . A   A 1 8  ? 2.279   -7.252  3.029   1.00 53.09  ? 8  A   A N7    1 
ATOM   164 C  C5    . A   A 1 8  ? 1.360   -7.349  4.068   1.00 49.59  ? 8  A   A C5    1 
ATOM   165 C  C6    . A   A 1 8  ? 1.053   -6.540  5.154   1.00 53.64  ? 8  A   A C6    1 
ATOM   166 N  N6    . A   A 1 8  ? 1.647   -5.390  5.432   1.00 63.51  ? 8  A   A N6    1 
ATOM   167 N  N1    . A   A 1 8  ? 0.084   -6.943  5.980   1.00 58.11  ? 8  A   A N1    1 
ATOM   168 C  C2    . A   A 1 8  ? -0.525  -8.100  5.721   1.00 58.36  ? 8  A   A C2    1 
ATOM   169 N  N3    . A   A 1 8  ? -0.334  -8.958  4.739   1.00 50.36  ? 8  A   A N3    1 
ATOM   170 C  C4    . A   A 1 8  ? 0.629   -8.493  3.958   1.00 49.57  ? 8  A   A C4    1 
ATOM   171 P  P     . A   A 1 9  ? -2.295  -9.187  -1.202  1.00 75.42  ? 9  A   A P     1 
ATOM   172 O  OP1   . A   A 1 9  ? -2.296  -9.476  -2.662  1.00 58.72  ? 9  A   A OP1   1 
ATOM   173 O  OP2   . A   A 1 9  ? -1.690  -7.929  -0.664  1.00 69.83  ? 9  A   A OP2   1 
ATOM   174 O  "O5'" . A   A 1 9  ? -3.732  -9.278  -0.516  1.00 72.40  ? 9  A   A "O5'" 1 
ATOM   175 C  "C5'" . A   A 1 9  ? -3.958  -10.191 0.547   1.00 65.64  ? 9  A   A "C5'" 1 
ATOM   176 C  "C4'" . A   A 1 9  ? -4.556  -9.527  1.757   1.00 54.45  ? 9  A   A "C4'" 1 
ATOM   177 O  "O4'" . A   A 1 9  ? -3.541  -9.158  2.709   1.00 57.49  ? 9  A   A "O4'" 1 
ATOM   178 C  "C3'" . A   A 1 9  ? -5.301  -8.233  1.531   1.00 60.24  ? 9  A   A "C3'" 1 
ATOM   179 O  "O3'" . A   A 1 9  ? -6.570  -8.436  0.959   1.00 64.88  ? 9  A   A "O3'" 1 
ATOM   180 C  "C2'" . A   A 1 9  ? -5.381  -7.686  2.939   1.00 68.25  ? 9  A   A "C2'" 1 
ATOM   181 O  "O2'" . A   A 1 9  ? -6.333  -8.449  3.667   1.00 70.93  ? 9  A   A "O2'" 1 
ATOM   182 C  "C1'" . A   A 1 9  ? -3.999  -8.056  3.473   1.00 68.44  ? 9  A   A "C1'" 1 
ATOM   183 N  N9    . A   A 1 9  ? -3.016  -6.938  3.422   1.00 70.55  ? 9  A   A N9    1 
ATOM   184 C  C8    . A   A 1 9  ? -2.096  -6.625  2.435   1.00 65.27  ? 9  A   A C8    1 
ATOM   185 N  N7    . A   A 1 9  ? -1.342  -5.571  2.717   1.00 68.07  ? 9  A   A N7    1 
ATOM   186 C  C5    . A   A 1 9  ? -1.766  -5.133  3.976   1.00 68.94  ? 9  A   A C5    1 
ATOM   187 C  C6    . A   A 1 9  ? -1.350  -4.055  4.832   1.00 64.93  ? 9  A   A C6    1 
ATOM   188 N  N6    . A   A 1 9  ? -0.393  -3.139  4.588   1.00 55.18  ? 9  A   A N6    1 
ATOM   189 N  N1    . A   A 1 9  ? -1.999  -3.956  6.009   1.00 63.71  ? 9  A   A N1    1 
ATOM   190 C  C2    . A   A 1 9  ? -2.988  -4.836  6.282   1.00 66.35  ? 9  A   A C2    1 
ATOM   191 N  N3    . A   A 1 9  ? -3.465  -5.876  5.595   1.00 64.61  ? 9  A   A N3    1 
ATOM   192 C  C4    . A   A 1 9  ? -2.805  -5.978  4.418   1.00 69.23  ? 9  A   A C4    1 
ATOM   193 P  P     . U   A 1 10 ? -7.273  -7.252  0.144   1.00 66.04  ? 10 U   A P     1 
ATOM   194 O  OP1   . U   A 1 10 ? -8.378  -7.920  -0.568  1.00 68.94  ? 10 U   A OP1   1 
ATOM   195 O  OP2   . U   A 1 10 ? -6.284  -6.457  -0.621  1.00 61.83  ? 10 U   A OP2   1 
ATOM   196 O  "O5'" . U   A 1 10 ? -7.842  -6.293  1.285   1.00 68.65  ? 10 U   A "O5'" 1 
ATOM   197 C  "C5'" . U   A 1 10 ? -8.772  -6.777  2.248   1.00 68.76  ? 10 U   A "C5'" 1 
ATOM   198 C  "C4'" . U   A 1 10 ? -9.188  -5.704  3.229   1.00 60.92  ? 10 U   A "C4'" 1 
ATOM   199 O  "O4'" . U   A 1 10 ? -8.105  -5.462  4.155   1.00 57.46  ? 10 U   A "O4'" 1 
ATOM   200 C  "C3'" . U   A 1 10 ? -9.475  -4.338  2.633   1.00 66.40  ? 10 U   A "C3'" 1 
ATOM   201 O  "O3'" . U   A 1 10 ? -10.785 -4.189  2.113   1.00 57.99  ? 10 U   A "O3'" 1 
ATOM   202 C  "C2'" . U   A 1 10 ? -9.191  -3.403  3.792   1.00 68.30  ? 10 U   A "C2'" 1 
ATOM   203 O  "O2'" . U   A 1 10 ? -10.274 -3.434  4.708   1.00 73.73  ? 10 U   A "O2'" 1 
ATOM   204 C  "C1'" . U   A 1 10 ? -8.003  -4.091  4.440   1.00 58.28  ? 10 U   A "C1'" 1 
ATOM   205 N  N1    . U   A 1 10 ? -6.709  -3.605  3.915   1.00 63.03  ? 10 U   A N1    1 
ATOM   206 C  C2    . U   A 1 10 ? -6.093  -2.637  4.657   1.00 62.13  ? 10 U   A C2    1 
ATOM   207 O  O2    . U   A 1 10 ? -6.624  -2.210  5.657   1.00 59.91  ? 10 U   A O2    1 
ATOM   208 N  N3    . U   A 1 10 ? -4.872  -2.196  4.190   1.00 67.04  ? 10 U   A N3    1 
ATOM   209 C  C4    . U   A 1 10 ? -4.214  -2.635  3.049   1.00 69.45  ? 10 U   A C4    1 
ATOM   210 O  O4    . U   A 1 10 ? -3.117  -2.155  2.727   1.00 63.91  ? 10 U   A O4    1 
ATOM   211 C  C5    . U   A 1 10 ? -4.926  -3.652  2.329   1.00 70.06  ? 10 U   A C5    1 
ATOM   212 C  C6    . U   A 1 10 ? -6.111  -4.095  2.776   1.00 68.65  ? 10 U   A C6    1 
ATOM   213 P  P     . C   A 1 11 ? -11.043 -3.023  1.043   1.00 65.80  ? 11 C   A P     1 
ATOM   214 O  OP1   . C   A 1 11 ? -12.407 -3.240  0.484   1.00 69.66  ? 11 C   A OP1   1 
ATOM   215 O  OP2   . C   A 1 11 ? -9.866  -3.034  0.120   1.00 63.00  ? 11 C   A OP2   1 
ATOM   216 O  "O5'" . C   A 1 11 ? -10.901 -1.655  1.870   1.00 59.34  ? 11 C   A "O5'" 1 
ATOM   217 C  "C5'" . C   A 1 11 ? -11.973 -1.131  2.643   1.00 66.95  ? 11 C   A "C5'" 1 
ATOM   218 C  "C4'" . C   A 1 11 ? -11.534 -0.024  3.585   1.00 70.84  ? 11 C   A "C4'" 1 
ATOM   219 O  "O4'" . C   A 1 11 ? -10.267 -0.370  4.212   1.00 66.31  ? 11 C   A "O4'" 1 
ATOM   220 C  "C3'" . C   A 1 11 ? -11.260 1.351   2.981   1.00 73.44  ? 11 C   A "C3'" 1 
ATOM   221 O  "O3'" . C   A 1 11 ? -12.400 2.124   2.661   1.00 64.20  ? 11 C   A "O3'" 1 
ATOM   222 C  "C2'" . C   A 1 11 ? -10.388 2.000   4.041   1.00 70.89  ? 11 C   A "C2'" 1 
ATOM   223 O  "O2'" . C   A 1 11 ? -11.187 2.414   5.134   1.00 78.45  ? 11 C   A "O2'" 1 
ATOM   224 C  "C1'" . C   A 1 11 ? -9.528  0.815   4.480   1.00 69.07  ? 11 C   A "C1'" 1 
ATOM   225 N  N1    . C   A 1 11 ? -8.241  0.781   3.732   1.00 67.98  ? 11 C   A N1    1 
ATOM   226 C  C2    . C   A 1 11 ? -7.204  1.681   4.074   1.00 67.50  ? 11 C   A C2    1 
ATOM   227 O  O2    . C   A 1 11 ? -7.362  2.493   5.009   1.00 68.67  ? 11 C   A O2    1 
ATOM   228 N  N3    . C   A 1 11 ? -6.040  1.644   3.389   1.00 62.08  ? 11 C   A N3    1 
ATOM   229 C  C4    . C   A 1 11 ? -5.898  0.762   2.398   1.00 65.38  ? 11 C   A C4    1 
ATOM   230 N  N4    . C   A 1 11 ? -4.745  0.732   1.728   1.00 70.82  ? 11 C   A N4    1 
ATOM   231 C  C5    . C   A 1 11 ? -6.918  -0.156  2.039   1.00 63.03  ? 11 C   A C5    1 
ATOM   232 C  C6    . C   A 1 11 ? -8.064  -0.112  2.716   1.00 61.47  ? 11 C   A C6    1 
ATOM   233 P  P     . C   A 1 12 ? -12.300 3.110   1.399   1.00 64.84  ? 12 C   A P     1 
ATOM   234 O  OP1   . C   A 1 12 ? -13.634 3.705   1.167   1.00 70.47  ? 12 C   A OP1   1 
ATOM   235 O  OP2   . C   A 1 12 ? -11.608 2.354   0.328   1.00 61.05  ? 12 C   A OP2   1 
ATOM   236 O  "O5'" . C   A 1 12 ? -11.282 4.249   1.847   1.00 63.76  ? 12 C   A "O5'" 1 
ATOM   237 C  "C5'" . C   A 1 12 ? -11.577 5.081   2.953   1.00 72.86  ? 12 C   A "C5'" 1 
ATOM   238 C  "C4'" . C   A 1 12 ? -10.645 6.258   3.022   1.00 69.02  ? 12 C   A "C4'" 1 
ATOM   239 O  "O4'" . C   A 1 12 ? -9.352  5.817   3.499   1.00 62.89  ? 12 C   A "O4'" 1 
ATOM   240 C  "C3'" . C   A 1 12 ? -10.330 6.952   1.709   1.00 73.18  ? 12 C   A "C3'" 1 
ATOM   241 O  "O3'" . C   A 1 12 ? -11.342 7.859   1.286   1.00 80.00  ? 12 C   A "O3'" 1 
ATOM   242 C  "C2'" . C   A 1 12 ? -8.986  7.609   2.002   1.00 68.16  ? 12 C   A "C2'" 1 
ATOM   243 O  "O2'" . C   A 1 12 ? -9.154  8.755   2.820   1.00 68.44  ? 12 C   A "O2'" 1 
ATOM   244 C  "C1'" . C   A 1 12 ? -8.324  6.538   2.855   1.00 62.62  ? 12 C   A "C1'" 1 
ATOM   245 N  N1    . C   A 1 12 ? -7.517  5.583   2.055   1.00 59.39  ? 12 C   A N1    1 
ATOM   246 C  C2    . C   A 1 12 ? -6.157  5.800   1.831   1.00 60.09  ? 12 C   A C2    1 
ATOM   247 O  O2    . C   A 1 12 ? -5.615  6.807   2.276   1.00 68.31  ? 12 C   A O2    1 
ATOM   248 N  N3    . C   A 1 12 ? -5.442  4.921   1.134   1.00 56.11  ? 12 C   A N3    1 
ATOM   249 C  C4    . C   A 1 12 ? -6.045  3.843   0.661   1.00 63.87  ? 12 C   A C4    1 
ATOM   250 N  N4    . C   A 1 12 ? -5.338  2.958   -0.045  1.00 73.12  ? 12 C   A N4    1 
ATOM   251 C  C5    . C   A 1 12 ? -7.414  3.580   0.881   1.00 63.38  ? 12 C   A C5    1 
ATOM   252 C  C6    . C   A 1 12 ? -8.107  4.464   1.577   1.00 60.91  ? 12 C   A C6    1 
ATOM   253 O  "O5'" . G   B 1 1  ? 5.119   5.777   0.751   1.00 74.71  ? 1  G   B "O5'" 1 
ATOM   254 C  "C5'" . G   B 1 1  ? 5.233   7.063   0.149   1.00 78.61  ? 1  G   B "C5'" 1 
ATOM   255 C  "C4'" . G   B 1 1  ? 4.094   7.957   0.559   1.00 73.99  ? 1  G   B "C4'" 1 
ATOM   256 O  "O4'" . G   B 1 1  ? 3.066   7.940   -0.463  1.00 70.33  ? 1  G   B "O4'" 1 
ATOM   257 C  "C3'" . G   B 1 1  ? 3.366   7.525   1.823   1.00 70.82  ? 1  G   B "C3'" 1 
ATOM   258 O  "O3'" . G   B 1 1  ? 4.018   7.926   3.016   1.00 78.83  ? 1  G   B "O3'" 1 
ATOM   259 C  "C2'" . G   B 1 1  ? 1.980   8.126   1.644   1.00 70.44  ? 1  G   B "C2'" 1 
ATOM   260 O  "O2'" . G   B 1 1  ? 1.937   9.492   1.999   1.00 71.43  ? 1  G   B "O2'" 1 
ATOM   261 C  "C1'" . G   B 1 1  ? 1.791   8.012   0.134   1.00 72.39  ? 1  G   B "C1'" 1 
ATOM   262 N  N9    . G   B 1 1  ? 1.039   6.797   -0.182  1.00 72.55  ? 1  G   B N9    1 
ATOM   263 C  C8    . G   B 1 1  ? 1.420   5.693   -0.898  1.00 76.97  ? 1  G   B C8    1 
ATOM   264 N  N7    . G   B 1 1  ? 0.468   4.795   -0.938  1.00 83.89  ? 1  G   B N7    1 
ATOM   265 C  C5    . G   B 1 1  ? -0.587  5.344   -0.204  1.00 75.89  ? 1  G   B C5    1 
ATOM   266 C  C6    . G   B 1 1  ? -1.887  4.851   0.106   1.00 73.17  ? 1  G   B C6    1 
ATOM   267 O  O6    . G   B 1 1  ? -2.401  3.770   -0.211  1.00 73.93  ? 1  G   B O6    1 
ATOM   268 N  N1    . G   B 1 1  ? -2.617  5.755   0.877   1.00 70.77  ? 1  G   B N1    1 
ATOM   269 C  C2    . G   B 1 1  ? -2.152  6.979   1.295   1.00 68.73  ? 1  G   B C2    1 
ATOM   270 N  N2    . G   B 1 1  ? -2.976  7.726   2.035   1.00 64.94  ? 1  G   B N2    1 
ATOM   271 N  N3    . G   B 1 1  ? -0.954  7.442   1.018   1.00 69.14  ? 1  G   B N3    1 
ATOM   272 C  C4    . G   B 1 1  ? -0.233  6.580   0.273   1.00 71.93  ? 1  G   B C4    1 
ATOM   273 P  P     . G   B 1 2  ? 4.103   6.918   4.271   1.00 100.70 ? 2  G   B P     1 
ATOM   274 O  OP1   . G   B 1 2  ? 5.236   7.287   5.173   1.00 91.20  ? 2  G   B OP1   1 
ATOM   275 O  OP2   . G   B 1 2  ? 3.901   5.540   3.754   1.00 97.97  ? 2  G   B OP2   1 
ATOM   276 O  "O5'" . G   B 1 2  ? 2.813   7.234   5.120   1.00 78.61  ? 2  G   B "O5'" 1 
ATOM   277 C  "C5'" . G   B 1 2  ? 2.512   8.557   5.494   1.00 77.26  ? 2  G   B "C5'" 1 
ATOM   278 C  "C4'" . G   B 1 2  ? 1.095   8.581   5.936   1.00 72.16  ? 2  G   B "C4'" 1 
ATOM   279 O  "O4'" . G   B 1 2  ? 0.249   8.422   4.769   1.00 74.49  ? 2  G   B "O4'" 1 
ATOM   280 C  "C3'" . G   B 1 2  ? 0.706   7.394   6.786   1.00 80.34  ? 2  G   B "C3'" 1 
ATOM   281 O  "O3'" . G   B 1 2  ? 1.132   7.449   8.131   1.00 83.48  ? 2  G   B "O3'" 1 
ATOM   282 C  "C2'" . G   B 1 2  ? -0.793  7.361   6.611   1.00 80.47  ? 2  G   B "C2'" 1 
ATOM   283 O  "O2'" . G   B 1 2  ? -1.401  8.415   7.352   1.00 89.23  ? 2  G   B "O2'" 1 
ATOM   284 C  "C1'" . G   B 1 2  ? -0.896  7.672   5.125   1.00 73.34  ? 2  G   B "C1'" 1 
ATOM   285 N  N9    . G   B 1 2  ? -0.963  6.428   4.343   1.00 67.16  ? 2  G   B N9    1 
ATOM   286 C  C8    . G   B 1 2  ? -0.037  5.764   3.575   1.00 71.80  ? 2  G   B C8    1 
ATOM   287 N  N7    . G   B 1 2  ? -0.515  4.656   3.042   1.00 70.04  ? 2  G   B N7    1 
ATOM   288 C  C5    . G   B 1 2  ? -1.830  4.593   3.503   1.00 72.76  ? 2  G   B C5    1 
ATOM   289 C  C6    . G   B 1 2  ? -2.872  3.651   3.272   1.00 65.51  ? 2  G   B C6    1 
ATOM   290 O  O6    . G   B 1 2  ? -2.812  2.630   2.588   1.00 65.32  ? 2  G   B O6    1 
ATOM   291 N  N1    . G   B 1 2  ? -4.055  3.986   3.938   1.00 62.15  ? 2  G   B N1    1 
ATOM   292 C  C2    . G   B 1 2  ? -4.223  5.116   4.727   1.00 68.51  ? 2  G   B C2    1 
ATOM   293 N  N2    . G   B 1 2  ? -5.416  5.335   5.318   1.00 59.59  ? 2  G   B N2    1 
ATOM   294 N  N3    . G   B 1 2  ? -3.262  6.000   4.941   1.00 72.28  ? 2  G   B N3    1 
ATOM   295 C  C4    . G   B 1 2  ? -2.108  5.679   4.308   1.00 73.04  ? 2  G   B C4    1 
ATOM   296 P  P     . A   B 1 3  ? 1.485   6.072   8.879   1.00 81.08  ? 3  A   B P     1 
ATOM   297 O  OP1   . A   B 1 3  ? 2.862   6.234   9.429   1.00 79.36  ? 3  A   B OP1   1 
ATOM   298 O  OP2   . A   B 1 3  ? 1.224   4.948   7.936   1.00 79.39  ? 3  A   B OP2   1 
ATOM   299 O  "O5'" . A   B 1 3  ? 0.404   5.977   10.047  1.00 67.48  ? 3  A   B "O5'" 1 
ATOM   300 C  "C5'" . A   B 1 3  ? -0.775  6.758   10.007  1.00 67.48  ? 3  A   B "C5'" 1 
ATOM   301 C  "C4'" . A   B 1 3  ? -1.995  5.895   9.868   1.00 73.57  ? 3  A   B "C4'" 1 
ATOM   302 O  "O4'" . A   B 1 3  ? -2.292  5.636   8.480   1.00 71.26  ? 3  A   B "O4'" 1 
ATOM   303 C  "C3'" . A   B 1 3  ? -1.897  4.503   10.454  1.00 81.06  ? 3  A   B "C3'" 1 
ATOM   304 O  "O3'" . A   B 1 3  ? -1.984  4.495   11.861  1.00 89.08  ? 3  A   B "O3'" 1 
ATOM   305 C  "C2'" . A   B 1 3  ? -3.056  3.792   9.773   1.00 69.41  ? 3  A   B "C2'" 1 
ATOM   306 O  "O2'" . A   B 1 3  ? -4.276  4.174   10.391  1.00 66.74  ? 3  A   B "O2'" 1 
ATOM   307 C  "C1'" . A   B 1 3  ? -3.011  4.421   8.381   1.00 71.14  ? 3  A   B "C1'" 1 
ATOM   308 N  N9    . A   B 1 3  ? -2.418  3.537   7.352   1.00 67.59  ? 3  A   B N9    1 
ATOM   309 C  C8    . A   B 1 3  ? -1.242  3.633   6.646   1.00 70.49  ? 3  A   B C8    1 
ATOM   310 N  N7    . A   B 1 3  ? -1.050  2.666   5.767   1.00 64.84  ? 3  A   B N7    1 
ATOM   311 C  C5    . A   B 1 3  ? -2.191  1.877   5.901   1.00 68.74  ? 3  A   B C5    1 
ATOM   312 C  C6    . A   B 1 3  ? -2.617  0.692   5.256   1.00 70.79  ? 3  A   B C6    1 
ATOM   313 N  N6    . A   B 1 3  ? -1.922  0.032   4.321   1.00 69.60  ? 3  A   B N6    1 
ATOM   314 N  N1    . A   B 1 3  ? -3.814  0.192   5.626   1.00 69.60  ? 3  A   B N1    1 
ATOM   315 C  C2    . A   B 1 3  ? -4.524  0.829   6.573   1.00 69.15  ? 3  A   B C2    1 
ATOM   316 N  N3    . A   B 1 3  ? -4.236  1.930   7.259   1.00 65.86  ? 3  A   B N3    1 
ATOM   317 C  C4    . A   B 1 3  ? -3.040  2.410   6.868   1.00 67.66  ? 3  A   B C4    1 
ATOM   318 P  P     . C   B 1 4  ? -1.281  3.317   12.690  1.00 78.54  ? 4  C   B P     1 
ATOM   319 O  OP1   . C   B 1 4  ? -1.722  3.544   14.093  1.00 85.69  ? 4  C   B OP1   1 
ATOM   320 O  OP2   . C   B 1 4  ? 0.148   3.245   12.294  1.00 76.76  ? 4  C   B OP2   1 
ATOM   321 O  "O5'" . C   B 1 4  ? -1.965  1.974   12.160  1.00 82.40  ? 4  C   B "O5'" 1 
ATOM   322 C  "C5'" . C   B 1 4  ? -3.279  1.629   12.573  1.00 84.79  ? 4  C   B "C5'" 1 
ATOM   323 C  "C4'" . C   B 1 4  ? -3.812  0.479   11.772  1.00 72.22  ? 4  C   B "C4'" 1 
ATOM   324 O  "O4'" . C   B 1 4  ? -3.643  0.745   10.360  1.00 63.38  ? 4  C   B "O4'" 1 
ATOM   325 C  "C3'" . C   B 1 4  ? -3.103  -0.848  11.968  1.00 77.09  ? 4  C   B "C3'" 1 
ATOM   326 O  "O3'" . C   B 1 4  ? -3.480  -1.511  13.165  1.00 85.96  ? 4  C   B "O3'" 1 
ATOM   327 C  "C2'" . C   B 1 4  ? -3.516  -1.599  10.715  1.00 77.43  ? 4  C   B "C2'" 1 
ATOM   328 O  "O2'" . C   B 1 4  ? -4.851  -2.059  10.860  1.00 79.72  ? 4  C   B "O2'" 1 
ATOM   329 C  "C1'" . C   B 1 4  ? -3.496  -0.475  9.667   1.00 68.02  ? 4  C   B "C1'" 1 
ATOM   330 N  N1    . C   B 1 4  ? -2.245  -0.465  8.856   1.00 66.51  ? 4  C   B N1    1 
ATOM   331 C  C2    . C   B 1 4  ? -2.190  -1.238  7.673   1.00 64.57  ? 4  C   B C2    1 
ATOM   332 O  O2    . C   B 1 4  ? -3.187  -1.866  7.343   1.00 70.31  ? 4  C   B O2    1 
ATOM   333 N  N3    . C   B 1 4  ? -1.099  -1.309  6.875   1.00 62.70  ? 4  C   B N3    1 
ATOM   334 C  C4    . C   B 1 4  ? -0.020  -0.618  7.241   1.00 72.87  ? 4  C   B C4    1 
ATOM   335 N  N4    . C   B 1 4  ? 1.052   -0.689  6.437   1.00 73.47  ? 4  C   B N4    1 
ATOM   336 C  C5    . C   B 1 4  ? -0.006  0.176   8.443   1.00 68.12  ? 4  C   B C5    1 
ATOM   337 C  C6    . C   B 1 4  ? -1.120  0.227   9.215   1.00 70.85  ? 4  C   B C6    1 
ATOM   338 P  P     . U   B 1 5  ? -2.383  -2.027  14.239  1.00 93.00  ? 5  U   B P     1 
ATOM   339 O  OP1   . U   B 1 5  ? -2.880  -1.545  15.557  1.00 83.93  ? 5  U   B OP1   1 
ATOM   340 O  OP2   . U   B 1 5  ? -0.996  -1.731  13.781  1.00 87.42  ? 5  U   B OP2   1 
ATOM   341 O  "O5'" . U   B 1 5  ? -2.509  -3.617  14.220  1.00 77.46  ? 5  U   B "O5'" 1 
ATOM   342 C  "C5'" . U   B 1 5  ? -3.785  -4.242  14.231  1.00 76.31  ? 5  U   B "C5'" 1 
ATOM   343 C  "C4'" . U   B 1 5  ? -3.844  -5.408  13.277  1.00 73.93  ? 5  U   B "C4'" 1 
ATOM   344 O  "O4'" . U   B 1 5  ? -3.869  -4.944  11.900  1.00 71.45  ? 5  U   B "O4'" 1 
ATOM   345 C  "C3'" . U   B 1 5  ? -2.669  -6.374  13.300  1.00 67.62  ? 5  U   B "C3'" 1 
ATOM   346 O  "O3'" . U   B 1 5  ? -2.690  -7.290  14.381  1.00 66.53  ? 5  U   B "O3'" 1 
ATOM   347 C  "C2'" . U   B 1 5  ? -2.800  -7.072  11.960  1.00 63.72  ? 5  U   B "C2'" 1 
ATOM   348 O  "O2'" . U   B 1 5  ? -3.797  -8.072  12.044  1.00 60.33  ? 5  U   B "O2'" 1 
ATOM   349 C  "C1'" . U   B 1 5  ? -3.299  -5.933  11.065  1.00 67.55  ? 5  U   B "C1'" 1 
ATOM   350 N  N1    . U   B 1 5  ? -2.185  -5.368  10.272  1.00 64.63  ? 5  U   B N1    1 
ATOM   351 C  C2    . U   B 1 5  ? -1.963  -5.955  9.042   1.00 66.84  ? 5  U   B C2    1 
ATOM   352 O  O2    . U   B 1 5  ? -2.672  -6.840  8.611   1.00 66.63  ? 5  U   B O2    1 
ATOM   353 N  N3    . U   B 1 5  ? -0.924  -5.465  8.295   1.00 63.28  ? 5  U   B N3    1 
ATOM   354 C  C4    . U   B 1 5  ? -0.076  -4.463  8.658   1.00 62.80  ? 5  U   B C4    1 
ATOM   355 O  O4    . U   B 1 5  ? 0.817   -4.122  7.887   1.00 57.66  ? 5  U   B O4    1 
ATOM   356 C  C5    . U   B 1 5  ? -0.358  -3.918  9.951   1.00 70.21  ? 5  U   B C5    1 
ATOM   357 C  C6    . U   B 1 5  ? -1.368  -4.369  10.707  1.00 66.35  ? 5  U   B C6    1 
HETATM 358 BR BR    . CBR B 1 6  ? 1.940   -6.066  11.319  1.00 82.16  ? 6  CBR B BR    1 
HETATM 359 P  P     . CBR B 1 6  ? -1.372  -8.161  14.692  1.00 65.25  ? 6  CBR B P     1 
HETATM 360 O  OP1   . CBR B 1 6  ? -1.479  -9.114  15.861  1.00 74.07  ? 6  CBR B OP1   1 
HETATM 361 O  OP2   . CBR B 1 6  ? -0.105  -7.362  14.467  1.00 62.62  ? 6  CBR B OP2   1 
HETATM 362 O  "O5'" . CBR B 1 6  ? -1.230  -9.381  13.332  1.00 65.12  ? 6  CBR B "O5'" 1 
HETATM 363 N  N1    . CBR B 1 6  ? 0.172   -9.442  9.639   1.00 66.64  ? 6  CBR B N1    1 
HETATM 364 C  C6    . CBR B 1 6  ? 0.478   -8.423  10.508  1.00 62.40  ? 6  CBR B C6    1 
HETATM 365 C  C2    . CBR B 1 6  ? 0.886   -9.594  8.351   1.00 55.01  ? 6  CBR B C2    1 
HETATM 366 O  O2    . CBR B 1 6  ? 0.591   -10.508 7.616   1.00 55.24  ? 6  CBR B O2    1 
HETATM 367 N  N3    . CBR B 1 6  ? 1.858   -8.679  7.999   1.00 50.83  ? 6  CBR B N3    1 
HETATM 368 C  C4    . CBR B 1 6  ? 2.122   -7.676  8.856   1.00 62.08  ? 6  CBR B C4    1 
HETATM 369 N  N4    . CBR B 1 6  ? 3.100   -6.775  8.457   1.00 58.65  ? 6  CBR B N4    1 
HETATM 370 C  C5    . CBR B 1 6  ? 1.443   -7.524  10.131  1.00 65.99  ? 6  CBR B C5    1 
HETATM 371 C  "C2'" . CBR B 1 6  ? -0.191  -11.792 10.418  1.00 69.96  ? 6  CBR B "C2'" 1 
HETATM 372 C  "C5'" . CBR B 1 6  ? -2.133  -10.365 13.312  1.00 61.74  ? 6  CBR B "C5'" 1 
HETATM 373 C  "C4'" . CBR B 1 6  ? -1.852  -11.119 11.998  1.00 66.80  ? 6  CBR B "C4'" 1 
HETATM 374 O  "O4'" . CBR B 1 6  ? -1.880  -10.150 10.928  1.00 68.73  ? 6  CBR B "O4'" 1 
HETATM 375 C  "C1'" . CBR B 1 6  ? -0.909  -10.528 9.947   1.00 71.33  ? 6  CBR B "C1'" 1 
HETATM 376 C  "C3'" . CBR B 1 6  ? -0.366  -11.675 11.912  1.00 63.79  ? 6  CBR B "C3'" 1 
HETATM 377 O  "O3'" . CBR B 1 6  ? -0.206  -12.972 12.441  1.00 58.93  ? 6  CBR B "O3'" 1 
ATOM   378 P  P     . G   B 1 7  ? 1.252   -13.475 12.914  1.00 70.16  ? 7  G   B P     1 
ATOM   379 O  OP1   . G   B 1 7  ? 1.084   -13.673 14.375  1.00 76.50  ? 7  G   B OP1   1 
ATOM   380 O  OP2   . G   B 1 7  ? 2.348   -12.603 12.382  1.00 70.44  ? 7  G   B OP2   1 
ATOM   381 O  "O5'" . G   B 1 7  ? 1.491   -14.871 12.172  1.00 69.20  ? 7  G   B "O5'" 1 
ATOM   382 C  "C5'" . G   B 1 7  ? 0.996   -15.088 10.853  1.00 71.57  ? 7  G   B "C5'" 1 
ATOM   383 C  "C4'" . G   B 1 7  ? 2.065   -15.508 9.860   1.00 64.88  ? 7  G   B "C4'" 1 
ATOM   384 O  "O4'" . G   B 1 7  ? 2.092   -14.564 8.759   1.00 70.13  ? 7  G   B "O4'" 1 
ATOM   385 C  "C3'" . G   B 1 7  ? 3.508   -15.527 10.338  1.00 62.58  ? 7  G   B "C3'" 1 
ATOM   386 O  "O3'" . G   B 1 7  ? 3.868   -16.681 11.057  1.00 60.68  ? 7  G   B "O3'" 1 
ATOM   387 C  "C2'" . G   B 1 7  ? 4.268   -15.410 9.034   1.00 58.73  ? 7  G   B "C2'" 1 
ATOM   388 O  "O2'" . G   B 1 7  ? 4.227   -16.650 8.336   1.00 54.28  ? 7  G   B "O2'" 1 
ATOM   389 C  "C1'" . G   B 1 7  ? 3.421   -14.389 8.305   1.00 58.08  ? 7  G   B "C1'" 1 
ATOM   390 N  N9    . G   B 1 7  ? 3.858   -13.013 8.625   1.00 49.65  ? 7  G   B N9    1 
ATOM   391 C  C8    . G   B 1 7  ? 3.427   -12.235 9.668   1.00 53.80  ? 7  G   B C8    1 
ATOM   392 N  N7    . G   B 1 7  ? 4.004   -11.064 9.694   1.00 58.59  ? 7  G   B N7    1 
ATOM   393 C  C5    . G   B 1 7  ? 4.878   -11.058 8.608   1.00 52.41  ? 7  G   B C5    1 
ATOM   394 C  C6    . G   B 1 7  ? 5.780   -10.071 8.103   1.00 47.74  ? 7  G   B C6    1 
ATOM   395 O  O6    . G   B 1 7  ? 6.038   -8.949  8.503   1.00 55.57  ? 7  G   B O6    1 
ATOM   396 N  N1    . G   B 1 7  ? 6.471   -10.452 6.996   1.00 39.29  ? 7  G   B N1    1 
ATOM   397 C  C2    . G   B 1 7  ? 6.344   -11.658 6.418   1.00 46.00  ? 7  G   B C2    1 
ATOM   398 N  N2    . G   B 1 7  ? 7.127   -11.839 5.339   1.00 44.76  ? 7  G   B N2    1 
ATOM   399 N  N3    . G   B 1 7  ? 5.512   -12.602 6.854   1.00 54.53  ? 7  G   B N3    1 
ATOM   400 C  C4    . G   B 1 7  ? 4.802   -12.255 7.950   1.00 51.10  ? 7  G   B C4    1 
ATOM   401 P  P     . A   B 1 8  ? 5.130   -16.599 12.036  1.00 61.16  ? 8  A   B P     1 
ATOM   402 O  OP1   . A   B 1 8  ? 5.239   -17.943 12.674  1.00 62.77  ? 8  A   B OP1   1 
ATOM   403 O  OP2   . A   B 1 8  ? 4.997   -15.357 12.853  1.00 64.87  ? 8  A   B OP2   1 
ATOM   404 O  "O5'" . A   B 1 8  ? 6.378   -16.288 11.088  1.00 52.41  ? 8  A   B "O5'" 1 
ATOM   405 C  "C5'" . A   B 1 8  ? 6.767   -17.179 10.056  1.00 57.27  ? 8  A   B "C5'" 1 
ATOM   406 C  "C4'" . A   B 1 8  ? 8.007   -16.690 9.355   1.00 54.08  ? 8  A   B "C4'" 1 
ATOM   407 O  "O4'" . A   B 1 8  ? 7.732   -15.524 8.531   1.00 53.36  ? 8  A   B "O4'" 1 
ATOM   408 C  "C3'" . A   B 1 8  ? 9.124   -16.233 10.263  1.00 49.70  ? 8  A   B "C3'" 1 
ATOM   409 O  "O3'" . A   B 1 8  ? 9.840   -17.322 10.813  1.00 46.05  ? 8  A   B "O3'" 1 
ATOM   410 C  "C2'" . A   B 1 8  ? 9.949   -15.347 9.337   1.00 53.43  ? 8  A   B "C2'" 1 
ATOM   411 O  "O2'" . A   B 1 8  ? 10.759  -16.116 8.469   1.00 57.09  ? 8  A   B "O2'" 1 
ATOM   412 C  "C1'" . A   B 1 8  ? 8.865   -14.678 8.511   1.00 50.66  ? 8  A   B "C1'" 1 
ATOM   413 N  N9    . A   B 1 8  ? 8.526   -13.386 9.119   1.00 49.39  ? 8  A   B N9    1 
ATOM   414 C  C8    . A   B 1 8  ? 7.651   -13.096 10.133  1.00 52.18  ? 8  A   B C8    1 
ATOM   415 N  N7    . A   B 1 8  ? 7.619   -11.815 10.450  1.00 53.45  ? 8  A   B N7    1 
ATOM   416 C  C5    . A   B 1 8  ? 8.566   -11.250 9.614   1.00 47.79  ? 8  A   B C5    1 
ATOM   417 C  C6    . A   B 1 8  ? 9.010   -9.931  9.465   1.00 44.97  ? 8  A   B C6    1 
ATOM   418 N  N6    . A   B 1 8  ? 8.541   -8.904  10.174  1.00 48.44  ? 8  A   B N6    1 
ATOM   419 N  N1    . A   B 1 8  ? 9.956   -9.707  8.541   1.00 43.10  ? 8  A   B N1    1 
ATOM   420 C  C2    . A   B 1 8  ? 10.399  -10.760 7.833   1.00 48.02  ? 8  A   B C2    1 
ATOM   421 N  N3    . A   B 1 8  ? 10.073  -12.056 7.882   1.00 42.47  ? 8  A   B N3    1 
ATOM   422 C  C4    . A   B 1 8  ? 9.135   -12.216 8.806   1.00 45.18  ? 8  A   B C4    1 
ATOM   423 P  P     . A   B 1 9  ? 10.791  -17.113 12.088  1.00 59.60  ? 9  A   B P     1 
ATOM   424 O  OP1   . A   B 1 9  ? 11.605  -18.355 12.105  1.00 63.59  ? 9  A   B OP1   1 
ATOM   425 O  OP2   . A   B 1 9  ? 10.019  -16.731 13.316  1.00 49.72  ? 9  A   B OP2   1 
ATOM   426 O  "O5'" . A   B 1 9  ? 11.776  -15.937 11.660  1.00 43.80  ? 9  A   B "O5'" 1 
ATOM   427 C  "C5'" . A   B 1 9  ? 12.804  -16.203 10.735  1.00 43.22  ? 9  A   B "C5'" 1 
ATOM   428 C  "C4'" . A   B 1 9  ? 13.681  -15.012 10.468  1.00 47.28  ? 9  A   B "C4'" 1 
ATOM   429 O  "O4'" . A   B 1 9  ? 12.959  -13.941 9.816   1.00 44.13  ? 9  A   B "O4'" 1 
ATOM   430 C  "C3'" . A   B 1 9  ? 14.334  -14.324 11.655  1.00 43.64  ? 9  A   B "C3'" 1 
ATOM   431 O  "O3'" . A   B 1 9  ? 15.394  -15.081 12.224  1.00 45.25  ? 9  A   B "O3'" 1 
ATOM   432 C  "C2'" . A   B 1 9  ? 14.807  -13.036 11.012  1.00 42.64  ? 9  A   B "C2'" 1 
ATOM   433 O  "O2'" . A   B 1 9  ? 15.958  -13.317 10.227  1.00 37.01  ? 9  A   B "O2'" 1 
ATOM   434 C  "C1'" . A   B 1 9  ? 13.632  -12.721 10.075  1.00 46.41  ? 9  A   B "C1'" 1 
ATOM   435 N  N9    . A   B 1 9  ? 12.700  -11.708 10.647  1.00 46.83  ? 9  A   B N9    1 
ATOM   436 C  C8    . A   B 1 9  ? 11.497  -11.819 11.321  1.00 46.67  ? 9  A   B C8    1 
ATOM   437 N  N7    . A   B 1 9  ? 10.938  -10.672 11.684  1.00 41.87  ? 9  A   B N7    1 
ATOM   438 C  C5    . A   B 1 9  ? 11.815  -9.713  11.205  1.00 43.63  ? 9  A   B C5    1 
ATOM   439 C  C6    . A   B 1 9  ? 11.822  -8.289  11.254  1.00 46.03  ? 9  A   B C6    1 
ATOM   440 N  N6    . A   B 1 9  ? 10.891  -7.490  11.812  1.00 40.90  ? 9  A   B N6    1 
ATOM   441 N  N1    . A   B 1 9  ? 12.892  -7.686  10.668  1.00 48.46  ? 9  A   B N1    1 
ATOM   442 C  C2    . A   B 1 9  ? 13.865  -8.418  10.086  1.00 44.45  ? 9  A   B C2    1 
ATOM   443 N  N3    . A   B 1 9  ? 13.971  -9.741  9.979   1.00 43.35  ? 9  A   B N3    1 
ATOM   444 C  C4    . A   B 1 9  ? 12.904  -10.339 10.567  1.00 46.59  ? 9  A   B C4    1 
ATOM   445 P  P     . U   B 1 10 ? 16.210  -14.529 13.512  1.00 52.33  ? 10 U   B P     1 
ATOM   446 O  OP1   . U   B 1 10 ? 17.285  -15.509 13.771  1.00 48.35  ? 10 U   B OP1   1 
ATOM   447 O  OP2   . U   B 1 10 ? 15.288  -14.094 14.602  1.00 48.50  ? 10 U   B OP2   1 
ATOM   448 O  "O5'" . U   B 1 10 ? 16.865  -13.160 13.029  1.00 48.75  ? 10 U   B "O5'" 1 
ATOM   449 C  "C5'" . U   B 1 10 ? 18.262  -12.969 12.961  1.00 39.86  ? 10 U   B "C5'" 1 
ATOM   450 C  "C4'" . U   B 1 10 ? 18.554  -11.506 12.813  1.00 40.53  ? 10 U   B "C4'" 1 
ATOM   451 O  "O4'" . U   B 1 10 ? 17.463  -10.872 12.119  1.00 45.21  ? 10 U   B "O4'" 1 
ATOM   452 C  "C3'" . U   B 1 10 ? 18.613  -10.706 14.094  1.00 52.22  ? 10 U   B "C3'" 1 
ATOM   453 O  "O3'" . U   B 1 10 ? 19.775  -10.901 14.842  1.00 67.01  ? 10 U   B "O3'" 1 
ATOM   454 C  "C2'" . U   B 1 10 ? 18.466  -9.296  13.576  1.00 48.93  ? 10 U   B "C2'" 1 
ATOM   455 O  "O2'" . U   B 1 10 ? 19.657  -8.905  12.892  1.00 42.71  ? 10 U   B "O2'" 1 
ATOM   456 C  "C1'" . U   B 1 10 ? 17.374  -9.513  12.538  1.00 47.72  ? 10 U   B "C1'" 1 
ATOM   457 N  N1    . U   B 1 10 ? 16.015  -9.211  13.053  1.00 42.11  ? 10 U   B N1    1 
ATOM   458 C  C2    . U   B 1 10 ? 15.735  -7.910  13.464  1.00 48.78  ? 10 U   B C2    1 
ATOM   459 O  O2    . U   B 1 10 ? 16.581  -7.037  13.438  1.00 56.27  ? 10 U   B O2    1 
ATOM   460 N  N3    . U   B 1 10 ? 14.455  -7.638  13.921  1.00 44.26  ? 10 U   B N3    1 
ATOM   461 C  C4    . U   B 1 10 ? 13.423  -8.557  13.999  1.00 48.08  ? 10 U   B C4    1 
ATOM   462 O  O4    . U   B 1 10 ? 12.304  -8.227  14.414  1.00 49.16  ? 10 U   B O4    1 
ATOM   463 C  C5    . U   B 1 10 ? 13.790  -9.873  13.553  1.00 47.99  ? 10 U   B C5    1 
ATOM   464 C  C6    . U   B 1 10 ? 15.024  -10.152 13.092  1.00 45.87  ? 10 U   B C6    1 
ATOM   465 P  P     . C   B 1 11 ? 19.673  -10.765 16.426  1.00 63.71  ? 11 C   B P     1 
ATOM   466 O  OP1   . C   B 1 11 ? 21.015  -11.210 16.888  1.00 58.42  ? 11 C   B OP1   1 
ATOM   467 O  OP2   . C   B 1 11 ? 18.348  -11.258 16.896  1.00 53.74  ? 11 C   B OP2   1 
ATOM   468 O  "O5'" . C   B 1 11 ? 19.496  -9.221  16.681  1.00 45.93  ? 11 C   B "O5'" 1 
ATOM   469 C  "C5'" . C   B 1 11 ? 20.580  -8.353  16.499  1.00 47.36  ? 11 C   B "C5'" 1 
ATOM   470 C  "C4'" . C   B 1 11 ? 20.123  -6.963  16.769  1.00 44.44  ? 11 C   B "C4'" 1 
ATOM   471 O  "O4'" . C   B 1 11 ? 18.892  -6.727  16.051  1.00 54.48  ? 11 C   B "O4'" 1 
ATOM   472 C  "C3'" . C   B 1 11 ? 19.738  -6.713  18.196  1.00 51.42  ? 11 C   B "C3'" 1 
ATOM   473 O  "O3'" . C   B 1 11 ? 20.856  -6.503  19.024  1.00 62.75  ? 11 C   B "O3'" 1 
ATOM   474 C  "C2'" . C   B 1 11 ? 18.825  -5.512  18.077  1.00 58.69  ? 11 C   B "C2'" 1 
ATOM   475 O  "O2'" . C   B 1 11 ? 19.605  -4.352  17.848  1.00 73.63  ? 11 C   B "O2'" 1 
ATOM   476 C  "C1'" . C   B 1 11 ? 18.089  -5.831  16.779  1.00 54.11  ? 11 C   B "C1'" 1 
ATOM   477 N  N1    . C   B 1 11 ? 16.741  -6.415  16.976  1.00 47.21  ? 11 C   B N1    1 
ATOM   478 C  C2    . C   B 1 11 ? 15.740  -5.551  17.383  1.00 51.33  ? 11 C   B C2    1 
ATOM   479 O  O2    . C   B 1 11 ? 16.045  -4.362  17.583  1.00 55.35  ? 11 C   B O2    1 
ATOM   480 N  N3    . C   B 1 11 ? 14.482  -6.020  17.555  1.00 50.94  ? 11 C   B N3    1 
ATOM   481 C  C4    . C   B 1 11 ? 14.201  -7.297  17.304  1.00 49.14  ? 11 C   B C4    1 
ATOM   482 N  N4    . C   B 1 11 ? 12.938  -7.710  17.472  1.00 47.20  ? 11 C   B N4    1 
ATOM   483 C  C5    . C   B 1 11 ? 15.212  -8.199  16.880  1.00 47.88  ? 11 C   B C5    1 
ATOM   484 C  C6    . C   B 1 11 ? 16.453  -7.723  16.721  1.00 50.05  ? 11 C   B C6    1 
ATOM   485 P  P     . C   B 1 12 ? 20.747  -6.938  20.553  1.00 67.64  ? 12 C   B P     1 
ATOM   486 O  OP1   . C   B 1 12 ? 22.114  -6.990  21.159  1.00 57.44  ? 12 C   B OP1   1 
ATOM   487 O  OP2   . C   B 1 12 ? 19.903  -8.170  20.592  1.00 66.16  ? 12 C   B OP2   1 
ATOM   488 O  "O5'" . C   B 1 12 ? 19.880  -5.745  21.146  1.00 59.08  ? 12 C   B "O5'" 1 
ATOM   489 C  "C5'" . C   B 1 12 ? 20.331  -4.418  20.975  1.00 58.50  ? 12 C   B "C5'" 1 
ATOM   490 C  "C4'" . C   B 1 12 ? 19.367  -3.441  21.573  1.00 63.21  ? 12 C   B "C4'" 1 
ATOM   491 O  "O4'" . C   B 1 12 ? 18.249  -3.245  20.669  1.00 58.77  ? 12 C   B "O4'" 1 
ATOM   492 C  "C3'" . C   B 1 12 ? 18.702  -3.851  22.877  1.00 56.75  ? 12 C   B "C3'" 1 
ATOM   493 O  "O3'" . C   B 1 12 ? 19.533  -3.732  24.008  1.00 48.63  ? 12 C   B "O3'" 1 
ATOM   494 C  "C2'" . C   B 1 12 ? 17.498  -2.926  22.889  1.00 61.02  ? 12 C   B "C2'" 1 
ATOM   495 O  "O2'" . C   B 1 12 ? 17.910  -1.597  23.182  1.00 61.77  ? 12 C   B "O2'" 1 
ATOM   496 C  "C1'" . C   B 1 12 ? 17.079  -2.992  21.417  1.00 52.73  ? 12 C   B "C1'" 1 
ATOM   497 N  N1    . C   B 1 12 ? 16.173  -4.127  21.191  1.00 47.93  ? 12 C   B N1    1 
ATOM   498 C  C2    . C   B 1 12 ? 14.815  -3.966  21.414  1.00 49.48  ? 12 C   B C2    1 
ATOM   499 O  O2    . C   B 1 12 ? 14.446  -2.842  21.772  1.00 46.20  ? 12 C   B O2    1 
ATOM   500 N  N3    . C   B 1 12 ? 13.978  -5.030  21.226  1.00 53.94  ? 12 C   B N3    1 
ATOM   501 C  C4    . C   B 1 12 ? 14.488  -6.216  20.840  1.00 53.58  ? 12 C   B C4    1 
ATOM   502 N  N4    . C   B 1 12 ? 13.699  -7.281  20.653  1.00 46.05  ? 12 C   B N4    1 
ATOM   503 C  C5    . C   B 1 12 ? 15.886  -6.381  20.624  1.00 58.72  ? 12 C   B C5    1 
ATOM   504 C  C6    . C   B 1 12 ? 16.684  -5.327  20.809  1.00 51.91  ? 12 C   B C6    1 
ATOM   505 O  "O5'" . G   C 1 1  ? -8.215  5.635   -3.212  1.00 60.58  ? 1  G   C "O5'" 1 
ATOM   506 C  "C5'" . G   C 1 1  ? -8.922  6.338   -2.196  1.00 62.79  ? 1  G   C "C5'" 1 
ATOM   507 C  "C4'" . G   C 1 1  ? -8.080  7.405   -1.534  1.00 64.17  ? 1  G   C "C4'" 1 
ATOM   508 O  "O4'" . G   C 1 1  ? -6.961  6.779   -0.858  1.00 65.69  ? 1  G   C "O4'" 1 
ATOM   509 C  "C3'" . G   C 1 1  ? -7.426  8.408   -2.473  1.00 66.83  ? 1  G   C "C3'" 1 
ATOM   510 O  "O3'" . G   C 1 1  ? -8.291  9.451   -2.871  1.00 70.05  ? 1  G   C "O3'" 1 
ATOM   511 C  "C2'" . G   C 1 1  ? -6.203  8.858   -1.688  1.00 63.09  ? 1  G   C "C2'" 1 
ATOM   512 O  "O2'" . G   C 1 1  ? -6.576  9.754   -0.653  1.00 59.52  ? 1  G   C "O2'" 1 
ATOM   513 C  "C1'" . G   C 1 1  ? -5.792  7.551   -1.033  1.00 63.37  ? 1  G   C "C1'" 1 
ATOM   514 N  N9    . G   C 1 1  ? -4.832  6.754   -1.828  1.00 71.95  ? 1  G   C N9    1 
ATOM   515 C  C8    . G   C 1 1  ? -5.043  5.504   -2.396  1.00 70.00  ? 1  G   C C8    1 
ATOM   516 N  N7    . G   C 1 1  ? -3.995  5.003   -2.992  1.00 66.82  ? 1  G   C N7    1 
ATOM   517 C  C5    . G   C 1 1  ? -3.026  5.984   -2.783  1.00 75.09  ? 1  G   C C5    1 
ATOM   518 C  C6    . G   C 1 1  ? -1.676  6.023   -3.197  1.00 75.91  ? 1  G   C C6    1 
ATOM   519 O  O6    . G   C 1 1  ? -1.057  5.169   -3.846  1.00 78.52  ? 1  G   C O6    1 
ATOM   520 N  N1    . G   C 1 1  ? -1.065  7.202   -2.780  1.00 69.94  ? 1  G   C N1    1 
ATOM   521 C  C2    . G   C 1 1  ? -1.666  8.207   -2.066  1.00 67.79  ? 1  G   C C2    1 
ATOM   522 N  N2    . G   C 1 1  ? -0.912  9.271   -1.754  1.00 71.82  ? 1  G   C N2    1 
ATOM   523 N  N3    . G   C 1 1  ? -2.915  8.186   -1.674  1.00 64.27  ? 1  G   C N3    1 
ATOM   524 C  C4    . G   C 1 1  ? -3.520  7.058   -2.066  1.00 70.38  ? 1  G   C C4    1 
ATOM   525 P  P     . G   C 1 2  ? -8.379  9.851   -4.431  1.00 69.53  ? 2  G   C P     1 
ATOM   526 O  OP1   . G   C 1 2  ? -9.790  10.222  -4.761  1.00 59.79  ? 2  G   C OP1   1 
ATOM   527 O  OP2   . G   C 1 2  ? -7.696  8.789   -5.229  1.00 70.51  ? 2  G   C OP2   1 
ATOM   528 O  "O5'" . G   C 1 2  ? -7.492  11.160  -4.475  1.00 63.26  ? 2  G   C "O5'" 1 
ATOM   529 C  "C5'" . G   C 1 2  ? -7.503  12.030  -3.357  1.00 67.29  ? 2  G   C "C5'" 1 
ATOM   530 C  "C4'" . G   C 1 2  ? -6.330  12.955  -3.411  1.00 63.04  ? 2  G   C "C4'" 1 
ATOM   531 O  "O4'" . G   C 1 2  ? -5.176  12.326  -2.791  1.00 65.40  ? 2  G   C "O4'" 1 
ATOM   532 C  "C3'" . G   C 1 2  ? -5.884  13.262  -4.818  1.00 65.67  ? 2  G   C "C3'" 1 
ATOM   533 O  "O3'" . G   C 1 2  ? -6.663  14.283  -5.418  1.00 74.18  ? 2  G   C "O3'" 1 
ATOM   534 C  "C2'" . G   C 1 2  ? -4.414  13.593  -4.625  1.00 71.39  ? 2  G   C "C2'" 1 
ATOM   535 O  "O2'" . G   C 1 2  ? -4.241  14.906  -4.115  1.00 70.16  ? 2  G   C "O2'" 1 
ATOM   536 C  "C1'" . G   C 1 2  ? -4.026  12.575  -3.557  1.00 66.36  ? 2  G   C "C1'" 1 
ATOM   537 N  N9    . G   C 1 2  ? -3.599  11.299  -4.177  1.00 70.55  ? 2  G   C N9    1 
ATOM   538 C  C8    . G   C 1 2  ? -4.358  10.167  -4.423  1.00 72.67  ? 2  G   C C8    1 
ATOM   539 N  N7    . G   C 1 2  ? -3.700  9.198   -5.009  1.00 69.94  ? 2  G   C N7    1 
ATOM   540 C  C5    . G   C 1 2  ? -2.430  9.736   -5.179  1.00 72.42  ? 2  G   C C5    1 
ATOM   541 C  C6    . G   C 1 2  ? -1.269  9.165   -5.752  1.00 80.18  ? 2  G   C C6    1 
ATOM   542 O  O6    . G   C 1 2  ? -1.165  8.033   -6.239  1.00 87.16  ? 2  G   C O6    1 
ATOM   543 N  N1    . G   C 1 2  ? -0.173  10.036  -5.714  1.00 79.14  ? 2  G   C N1    1 
ATOM   544 C  C2    . G   C 1 2  ? -0.199  11.310  -5.190  1.00 76.04  ? 2  G   C C2    1 
ATOM   545 N  N2    . G   C 1 2  ? 0.938   12.029  -5.233  1.00 71.62  ? 2  G   C N2    1 
ATOM   546 N  N3    . G   C 1 2  ? -1.284  11.851  -4.658  1.00 72.35  ? 2  G   C N3    1 
ATOM   547 C  C4    . G   C 1 2  ? -2.349  11.019  -4.681  1.00 69.71  ? 2  G   C C4    1 
ATOM   548 P  P     . A   C 1 3  ? -7.067  14.211  -6.972  1.00 70.24  ? 3  A   C P     1 
ATOM   549 O  OP1   . A   C 1 3  ? -8.171  15.170  -7.189  1.00 65.33  ? 3  A   C OP1   1 
ATOM   550 O  OP2   . A   C 1 3  ? -7.292  12.793  -7.341  1.00 71.99  ? 3  A   C OP2   1 
ATOM   551 O  "O5'" . A   C 1 3  ? -5.767  14.787  -7.682  1.00 71.30  ? 3  A   C "O5'" 1 
ATOM   552 C  "C5'" . A   C 1 3  ? -5.113  15.922  -7.128  1.00 75.10  ? 3  A   C "C5'" 1 
ATOM   553 C  "C4'" . A   C 1 3  ? -3.651  15.941  -7.457  1.00 62.64  ? 3  A   C "C4'" 1 
ATOM   554 O  "O4'" . A   C 1 3  ? -3.017  14.805  -6.849  1.00 63.23  ? 3  A   C "O4'" 1 
ATOM   555 C  "C3'" . A   C 1 3  ? -3.330  15.780  -8.923  1.00 75.58  ? 3  A   C "C3'" 1 
ATOM   556 O  "O3'" . A   C 1 3  ? -3.459  16.979  -9.650  1.00 80.84  ? 3  A   C "O3'" 1 
ATOM   557 C  "C2'" . A   C 1 3  ? -1.914  15.253  -8.894  1.00 78.83  ? 3  A   C "C2'" 1 
ATOM   558 O  "O2'" . A   C 1 3  ? -1.033  16.331  -8.638  1.00 93.88  ? 3  A   C "O2'" 1 
ATOM   559 C  "C1'" . A   C 1 3  ? -1.953  14.360  -7.659  1.00 73.09  ? 3  A   C "C1'" 1 
ATOM   560 N  N9    . A   C 1 3  ? -2.126  12.925  -7.980  1.00 69.81  ? 3  A   C N9    1 
ATOM   561 C  C8    . A   C 1 3  ? -3.244  12.151  -7.811  1.00 76.40  ? 3  A   C C8    1 
ATOM   562 N  N7    . A   C 1 3  ? -3.107  10.893  -8.165  1.00 75.94  ? 3  A   C N7    1 
ATOM   563 C  C5    . A   C 1 3  ? -1.795  10.829  -8.596  1.00 74.87  ? 3  A   C C5    1 
ATOM   564 C  C6    . A   C 1 3  ? -1.039  9.760   -9.104  1.00 81.95  ? 3  A   C C6    1 
ATOM   565 N  N6    . A   C 1 3  ? -1.523  8.530   -9.273  1.00 89.07  ? 3  A   C N6    1 
ATOM   566 N  N1    . A   C 1 3  ? 0.241   10.004  -9.444  1.00 83.22  ? 3  A   C N1    1 
ATOM   567 C  C2    . A   C 1 3  ? 0.702   11.254  -9.275  1.00 82.95  ? 3  A   C C2    1 
ATOM   568 N  N3    . A   C 1 3  ? 0.092   12.348  -8.816  1.00 73.34  ? 3  A   C N3    1 
ATOM   569 C  C4    . A   C 1 3  ? -1.178  12.064  -8.486  1.00 72.46  ? 3  A   C C4    1 
ATOM   570 P  P     . C   C 1 4  ? -4.189  16.927  -11.074 1.00 90.33  ? 4  C   C P     1 
ATOM   571 O  OP1   . C   C 1 4  ? -4.225  18.324  -11.588 1.00 89.23  ? 4  C   C OP1   1 
ATOM   572 O  OP2   . C   C 1 4  ? -5.438  16.110  -10.928 1.00 79.59  ? 4  C   C OP2   1 
ATOM   573 O  "O5'" . C   C 1 4  ? -3.188  16.083  -11.975 1.00 80.98  ? 4  C   C "O5'" 1 
ATOM   574 C  "C5'" . C   C 1 4  ? -1.941  16.631  -12.349 1.00 78.59  ? 4  C   C "C5'" 1 
ATOM   575 C  "C4'" . C   C 1 4  ? -0.962  15.562  -12.751 1.00 84.36  ? 4  C   C "C4'" 1 
ATOM   576 O  "O4'" . C   C 1 4  ? -0.859  14.554  -11.707 1.00 80.65  ? 4  C   C "O4'" 1 
ATOM   577 C  "C3'" . C   C 1 4  ? -1.295  14.751  -13.993 1.00 91.12  ? 4  C   C "C3'" 1 
ATOM   578 O  "O3'" . C   C 1 4  ? -1.041  15.445  -15.212 1.00 99.77  ? 4  C   C "O3'" 1 
ATOM   579 C  "C2'" . C   C 1 4  ? -0.421  13.524  -13.794 1.00 89.15  ? 4  C   C "C2'" 1 
ATOM   580 O  "O2'" . C   C 1 4  ? 0.937   13.861  -14.052 1.00 85.23  ? 4  C   C "O2'" 1 
ATOM   581 C  "C1'" . C   C 1 4  ? -0.583  13.299  -12.287 1.00 81.39  ? 4  C   C "C1'" 1 
ATOM   582 N  N1    . C   C 1 4  ? -1.691  12.356  -11.946 1.00 84.66  ? 4  C   C N1    1 
ATOM   583 C  C2    . C   C 1 4  ? -1.504  10.960  -12.063 1.00 88.12  ? 4  C   C C2    1 
ATOM   584 O  O2    . C   C 1 4  ? -0.418  10.526  -12.471 1.00 97.47  ? 4  C   C O2    1 
ATOM   585 N  N3    . C   C 1 4  ? -2.494  10.093  -11.739 1.00 80.68  ? 4  C   C N3    1 
ATOM   586 C  C4    . C   C 1 4  ? -3.656  10.561  -11.300 1.00 78.49  ? 4  C   C C4    1 
ATOM   587 N  N4    . C   C 1 4  ? -4.598  9.671   -10.997 1.00 82.09  ? 4  C   C N4    1 
ATOM   588 C  C5    . C   C 1 4  ? -3.893  11.963  -11.159 1.00 76.52  ? 4  C   C C5    1 
ATOM   589 C  C6    . C   C 1 4  ? -2.900  12.813  -11.479 1.00 81.10  ? 4  C   C C6    1 
ATOM   590 P  P     . U   C 1 5  ? -2.128  15.447  -16.405 1.00 95.21  ? 5  U   C P     1 
ATOM   591 O  OP1   . U   C 1 5  ? -2.509  16.838  -16.743 1.00 83.70  ? 5  U   C OP1   1 
ATOM   592 O  OP2   . U   C 1 5  ? -3.199  14.475  -16.068 1.00 94.54  ? 5  U   C OP2   1 
ATOM   593 O  "O5'" . U   C 1 5  ? -1.312  14.896  -17.644 1.00 83.86  ? 5  U   C "O5'" 1 
ATOM   594 C  "C5'" . U   C 1 5  ? 0.069   14.622  -17.531 1.00 86.72  ? 5  U   C "C5'" 1 
ATOM   595 C  "C4'" . U   C 1 5  ? 0.387   13.274  -18.117 1.00 101.61 ? 5  U   C "C4'" 1 
ATOM   596 O  "O4'" . U   C 1 5  ? 0.527   12.306  -17.048 1.00 102.53 ? 5  U   C "O4'" 1 
ATOM   597 C  "C3'" . U   C 1 5  ? -0.686  12.674  -19.022 1.00 110.37 ? 5  U   C "C3'" 1 
ATOM   598 O  "O3'" . U   C 1 5  ? -0.685  13.194  -20.347 1.00 109.99 ? 5  U   C "O3'" 1 
ATOM   599 C  "C2'" . U   C 1 5  ? -0.398  11.179  -18.922 1.00 113.65 ? 5  U   C "C2'" 1 
ATOM   600 O  "O2'" . U   C 1 5  ? 0.710   10.814  -19.732 1.00 106.18 ? 5  U   C "O2'" 1 
ATOM   601 C  "C1'" . U   C 1 5  ? 0.016   11.055  -17.452 1.00 103.12 ? 5  U   C "C1'" 1 
ATOM   602 N  N1    . U   C 1 5  ? -1.131  10.716  -16.573 1.00 101.10 ? 5  U   C N1    1 
ATOM   603 C  C2    . U   C 1 5  ? -1.376  9.381   -16.374 1.00 109.35 ? 5  U   C C2    1 
ATOM   604 O  O2    . U   C 1 5  ? -0.665  8.538   -16.899 1.00 116.95 ? 5  U   C O2    1 
ATOM   605 N  N3    . U   C 1 5  ? -2.452  9.086   -15.550 1.00 106.94 ? 5  U   C N3    1 
ATOM   606 C  C4    . U   C 1 5  ? -3.309  9.976   -14.921 1.00 100.23 ? 5  U   C C4    1 
ATOM   607 O  O4    . U   C 1 5  ? -4.239  9.566   -14.214 1.00 94.82  ? 5  U   C O4    1 
ATOM   608 C  C5    . U   C 1 5  ? -2.990  11.348  -15.185 1.00 97.83  ? 5  U   C C5    1 
ATOM   609 C  C6    . U   C 1 5  ? -1.950  11.651  -15.979 1.00 98.18  ? 5  U   C C6    1 
HETATM 610 BR BR    . CBR C 1 6  ? -4.082  9.702   -18.913 1.00 121.75 ? 6  CBR C BR    1 
HETATM 611 P  P     . CBR C 1 6  ? -1.975  13.008  -21.292 1.00 118.08 ? 6  CBR C P     1 
HETATM 612 O  OP1   . CBR C 1 6  ? -1.981  13.838  -22.563 1.00 121.56 ? 6  CBR C OP1   1 
HETATM 613 O  OP2   . CBR C 1 6  ? -3.271  12.866  -20.532 1.00 114.53 ? 6  CBR C OP2   1 
HETATM 614 O  "O5'" . CBR C 1 6  ? -1.747  11.348  -21.996 1.00 117.22 ? 6  CBR C "O5'" 1 
HETATM 615 N  N1    . CBR C 1 6  ? -1.726  7.423   -21.384 1.00 139.83 ? 6  CBR C N1    1 
HETATM 616 C  C6    . CBR C 1 6  ? -2.338  8.461   -20.749 1.00 131.35 ? 6  CBR C C6    1 
HETATM 617 C  C2    . CBR C 1 6  ? -2.053  6.019   -21.012 1.00 137.22 ? 6  CBR C C2    1 
HETATM 618 O  O2    . CBR C 1 6  ? -1.507  5.092   -21.578 1.00 139.12 ? 6  CBR C O2    1 
HETATM 619 N  N3    . CBR C 1 6  ? -3.004  5.802   -19.993 1.00 131.62 ? 6  CBR C N3    1 
HETATM 620 C  C4    . CBR C 1 6  ? -3.569  6.875   -19.400 1.00 131.40 ? 6  CBR C C4    1 
HETATM 621 N  N4    . CBR C 1 6  ? -4.482  6.624   -18.412 1.00 127.54 ? 6  CBR C N4    1 
HETATM 622 C  C5    . CBR C 1 6  ? -3.250  8.216   -19.773 1.00 129.66 ? 6  CBR C C5    1 
HETATM 623 C  "C2'" . CBR C 1 6  ? -1.467  7.744   -23.862 1.00 141.92 ? 6  CBR C "C2'" 1 
HETATM 624 C  "C5'" . CBR C 1 6  ? -0.692  11.302  -22.826 1.00 121.74 ? 6  CBR C "C5'" 1 
HETATM 625 C  "C4'" . CBR C 1 6  ? -0.491  9.873   -23.377 1.00 133.33 ? 6  CBR C "C4'" 1 
HETATM 626 O  "O4'" . CBR C 1 6  ? -0.108  8.983   -22.285 1.00 133.58 ? 6  CBR C "O4'" 1 
HETATM 627 C  "C1'" . CBR C 1 6  ? -0.713  7.711   -22.499 1.00 141.11 ? 6  CBR C "C1'" 1 
HETATM 628 C  "C3'" . CBR C 1 6  ? -1.818  9.248   -23.926 1.00 135.00 ? 6  CBR C "C3'" 1 
HETATM 629 O  "O3'" . CBR C 1 6  ? -2.125  9.681   -25.240 1.00 129.73 ? 6  CBR C "O3'" 1 
ATOM   630 P  P     . G   C 1 7  ? -3.658  9.672   -25.750 1.00 140.24 ? 7  G   C P     1 
ATOM   631 O  OP1   . G   C 1 7  ? -3.763  10.401  -27.049 1.00 129.39 ? 7  G   C OP1   1 
ATOM   632 O  OP2   . G   C 1 7  ? -4.502  10.151  -24.631 1.00 139.45 ? 7  G   C OP2   1 
ATOM   633 O  "O5'" . G   C 1 7  ? -3.976  8.121   -25.975 1.00 139.17 ? 7  G   C "O5'" 1 
ATOM   634 C  "C5'" . G   C 1 7  ? -3.227  7.359   -26.915 1.00 141.47 ? 7  G   C "C5'" 1 
ATOM   635 C  "C4'" . G   C 1 7  ? -3.443  5.864   -26.783 1.00 145.49 ? 7  G   C "C4'" 1 
ATOM   636 O  "O4'" . G   C 1 7  ? -3.179  5.411   -25.427 1.00 142.18 ? 7  G   C "O4'" 1 
ATOM   637 C  "C3'" . G   C 1 7  ? -4.848  5.334   -27.059 1.00 148.61 ? 7  G   C "C3'" 1 
ATOM   638 O  "O3'" . G   C 1 7  ? -5.257  5.362   -28.414 1.00 146.14 ? 7  G   C "O3'" 1 
ATOM   639 C  "C2'" . G   C 1 7  ? -4.785  3.954   -26.406 1.00 145.56 ? 7  G   C "C2'" 1 
ATOM   640 O  "O2'" . G   C 1 7  ? -4.048  3.016   -27.196 1.00 133.35 ? 7  G   C "O2'" 1 
ATOM   641 C  "C1'" . G   C 1 7  ? -3.993  4.277   -25.131 1.00 140.40 ? 7  G   C "C1'" 1 
ATOM   642 N  N9    . G   C 1 7  ? -4.907  4.620   -24.021 1.00 133.27 ? 7  G   C N9    1 
ATOM   643 C  C8    . G   C 1 7  ? -5.115  5.860   -23.447 1.00 127.93 ? 7  G   C C8    1 
ATOM   644 N  N7    . G   C 1 7  ? -6.012  5.845   -22.497 1.00 124.34 ? 7  G   C N7    1 
ATOM   645 C  C5    . G   C 1 7  ? -6.431  4.515   -22.447 1.00 130.27 ? 7  G   C C5    1 
ATOM   646 C  C6    . G   C 1 7  ? -7.390  3.876   -21.616 1.00 129.50 ? 7  G   C C6    1 
ATOM   647 O  O6    . G   C 1 7  ? -8.074  4.402   -20.731 1.00 130.86 ? 7  G   C O6    1 
ATOM   648 N  N1    . G   C 1 7  ? -7.521  2.503   -21.882 1.00 126.50 ? 7  G   C N1    1 
ATOM   649 C  C2    . G   C 1 7  ? -6.819  1.802   -22.837 1.00 127.99 ? 7  G   C C2    1 
ATOM   650 N  N2    . G   C 1 7  ? -7.082  0.476   -22.949 1.00 117.57 ? 7  G   C N2    1 
ATOM   651 N  N3    . G   C 1 7  ? -5.916  2.397   -23.619 1.00 132.47 ? 7  G   C N3    1 
ATOM   652 C  C4    . G   C 1 7  ? -5.769  3.738   -23.379 1.00 133.52 ? 7  G   C C4    1 
ATOM   653 P  P     . A   C 1 8  ? -6.678  6.031   -28.777 1.00 137.74 ? 8  A   C P     1 
ATOM   654 O  OP1   . A   C 1 8  ? -6.942  5.916   -30.228 1.00 139.51 ? 8  A   C OP1   1 
ATOM   655 O  OP2   . A   C 1 8  ? -6.692  7.389   -28.185 1.00 134.33 ? 8  A   C OP2   1 
ATOM   656 O  "O5'" . A   C 1 8  ? -7.731  5.120   -27.988 1.00 144.90 ? 8  A   C "O5'" 1 
ATOM   657 C  "C5'" . A   C 1 8  ? -8.485  4.115   -28.664 1.00 150.15 ? 8  A   C "C5'" 1 
ATOM   658 C  "C4'" . A   C 1 8  ? -9.046  3.043   -27.741 1.00 153.07 ? 8  A   C "C4'" 1 
ATOM   659 O  "O4'" . A   C 1 8  ? -8.473  3.127   -26.400 1.00 139.11 ? 8  A   C "O4'" 1 
ATOM   660 C  "C3'" . A   C 1 8  ? -10.548 3.067   -27.479 1.00 145.16 ? 8  A   C "C3'" 1 
ATOM   661 O  "O3'" . A   C 1 8  ? -11.355 2.650   -28.573 1.00 132.40 ? 8  A   C "O3'" 1 
ATOM   662 C  "C2'" . A   C 1 8  ? -10.662 2.209   -26.220 1.00 139.94 ? 8  A   C "C2'" 1 
ATOM   663 O  "O2'" . A   C 1 8  ? -10.506 0.821   -26.511 1.00 138.56 ? 8  A   C "O2'" 1 
ATOM   664 C  "C1'" . A   C 1 8  ? -9.431  2.691   -25.444 1.00 133.26 ? 8  A   C "C1'" 1 
ATOM   665 N  N9    . A   C 1 8  ? -9.781  3.836   -24.581 1.00 130.08 ? 8  A   C N9    1 
ATOM   666 C  C8    . A   C 1 8  ? -9.362  5.139   -24.718 1.00 132.07 ? 8  A   C C8    1 
ATOM   667 N  N7    . A   C 1 8  ? -9.858  5.955   -23.820 1.00 134.52 ? 8  A   C N7    1 
ATOM   668 C  C5    . A   C 1 8  ? -10.668 5.136   -23.041 1.00 133.17 ? 8  A   C C5    1 
ATOM   669 C  C6    . A   C 1 8  ? -11.475 5.404   -21.920 1.00 128.18 ? 8  A   C C6    1 
ATOM   670 N  N6    . A   C 1 8  ? -11.591 6.629   -21.383 1.00 129.07 ? 8  A   C N6    1 
ATOM   671 N  N1    . A   C 1 8  ? -12.153 4.360   -21.374 1.00 123.73 ? 8  A   C N1    1 
ATOM   672 C  C2    . A   C 1 8  ? -12.035 3.141   -21.920 1.00 118.18 ? 8  A   C C2    1 
ATOM   673 N  N3    . A   C 1 8  ? -11.306 2.770   -22.968 1.00 126.10 ? 8  A   C N3    1 
ATOM   674 C  C4    . A   C 1 8  ? -10.638 3.824   -23.495 1.00 133.09 ? 8  A   C C4    1 
ATOM   675 P  P     . A   C 1 9  ? -12.674 3.496   -28.927 1.00 129.89 ? 9  A   C P     1 
ATOM   676 O  OP1   . A   C 1 9  ? -13.109 3.287   -30.334 1.00 139.70 ? 9  A   C OP1   1 
ATOM   677 O  OP2   . A   C 1 9  ? -12.376 4.875   -28.484 1.00 134.50 ? 9  A   C OP2   1 
ATOM   678 O  "O5'" . A   C 1 9  ? -13.780 2.901   -27.941 1.00 138.90 ? 9  A   C "O5'" 1 
ATOM   679 C  "C5'" . A   C 1 9  ? -13.957 1.494   -27.799 1.00 135.05 ? 9  A   C "C5'" 1 
ATOM   680 C  "C4'" . A   C 1 9  ? -15.005 1.128   -26.762 1.00 130.84 ? 9  A   C "C4'" 1 
ATOM   681 O  "O4'" . A   C 1 9  ? -14.458 1.246   -25.417 1.00 119.18 ? 9  A   C "O4'" 1 
ATOM   682 C  "C3'" . A   C 1 9  ? -16.269 1.987   -26.727 1.00 131.46 ? 9  A   C "C3'" 1 
ATOM   683 O  "O3'" . A   C 1 9  ? -17.217 1.684   -27.749 1.00 138.05 ? 9  A   C "O3'" 1 
ATOM   684 C  "C2'" . A   C 1 9  ? -16.760 1.763   -25.298 1.00 123.80 ? 9  A   C "C2'" 1 
ATOM   685 O  "O2'" . A   C 1 9  ? -17.358 0.481   -25.148 1.00 114.07 ? 9  A   C "O2'" 1 
ATOM   686 C  "C1'" . A   C 1 9  ? -15.438 1.767   -24.537 1.00 115.04 ? 9  A   C "C1'" 1 
ATOM   687 N  N9    . A   C 1 9  ? -15.050 3.151   -24.182 1.00 124.31 ? 9  A   C N9    1 
ATOM   688 C  C8    . A   C 1 9  ? -14.094 3.963   -24.769 1.00 122.47 ? 9  A   C C8    1 
ATOM   689 N  N7    . A   C 1 9  ? -13.988 5.163   -24.243 1.00 114.01 ? 9  A   C N7    1 
ATOM   690 C  C5    . A   C 1 9  ? -14.943 5.142   -23.238 1.00 112.31 ? 9  A   C C5    1 
ATOM   691 C  C6    . A   C 1 9  ? -15.335 6.109   -22.310 1.00 107.56 ? 9  A   C C6    1 
ATOM   692 N  N6    . A   C 1 9  ? -14.786 7.323   -22.242 1.00 106.60 ? 9  A   C N6    1 
ATOM   693 N  N1    . A   C 1 9  ? -16.329 5.775   -21.457 1.00 108.27 ? 9  A   C N1    1 
ATOM   694 C  C2    . A   C 1 9  ? -16.883 4.557   -21.525 1.00 108.32 ? 9  A   C C2    1 
ATOM   695 N  N3    . A   C 1 9  ? -16.597 3.559   -22.350 1.00 108.58 ? 9  A   C N3    1 
ATOM   696 C  C4    . A   C 1 9  ? -15.612 3.924   -23.191 1.00 116.19 ? 9  A   C C4    1 
ATOM   697 P  P     . U   C 1 10 ? -17.893 2.866   -28.626 1.00 142.02 ? 10 U   C P     1 
ATOM   698 O  OP1   . U   C 1 10 ? -18.451 2.290   -29.877 1.00 130.94 ? 10 U   C OP1   1 
ATOM   699 O  OP2   . U   C 1 10 ? -16.921 3.994   -28.749 1.00 124.31 ? 10 U   C OP2   1 
ATOM   700 O  "O5'" . U   C 1 10 ? -19.127 3.339   -27.727 1.00 130.97 ? 10 U   C "O5'" 1 
ATOM   701 C  "C5'" . U   C 1 10 ? -19.805 2.440   -26.854 1.00 112.41 ? 10 U   C "C5'" 1 
ATOM   702 C  "C4'" . U   C 1 10 ? -20.535 3.193   -25.773 1.00 110.06 ? 10 U   C "C4'" 1 
ATOM   703 O  "O4'" . U   C 1 10 ? -19.608 3.593   -24.725 1.00 112.77 ? 10 U   C "O4'" 1 
ATOM   704 C  "C3'" . U   C 1 10 ? -21.159 4.499   -26.228 1.00 107.26 ? 10 U   C "C3'" 1 
ATOM   705 O  "O3'" . U   C 1 10 ? -22.401 4.325   -26.880 1.00 100.59 ? 10 U   C "O3'" 1 
ATOM   706 C  "C2'" . U   C 1 10 ? -21.231 5.310   -24.940 1.00 111.01 ? 10 U   C "C2'" 1 
ATOM   707 O  "O2'" . U   C 1 10 ? -22.316 4.890   -24.132 1.00 115.53 ? 10 U   C "O2'" 1 
ATOM   708 C  "C1'" . U   C 1 10 ? -19.939 4.887   -24.251 1.00 114.26 ? 10 U   C "C1'" 1 
ATOM   709 N  N1    . U   C 1 10 ? -18.814 5.831   -24.522 1.00 120.76 ? 10 U   C N1    1 
ATOM   710 C  C2    . U   C 1 10 ? -18.800 7.058   -23.846 1.00 110.68 ? 10 U   C C2    1 
ATOM   711 O  O2    . U   C 1 10 ? -19.677 7.394   -23.065 1.00 108.27 ? 10 U   C O2    1 
ATOM   712 N  N3    . U   C 1 10 ? -17.732 7.895   -24.117 1.00 102.64 ? 10 U   C N3    1 
ATOM   713 C  C4    . U   C 1 10 ? -16.680 7.633   -24.978 1.00 111.57 ? 10 U   C C4    1 
ATOM   714 O  O4    . U   C 1 10 ? -15.783 8.469   -25.125 1.00 106.19 ? 10 U   C O4    1 
ATOM   715 C  C5    . U   C 1 10 ? -16.754 6.357   -25.641 1.00 115.58 ? 10 U   C C5    1 
ATOM   716 C  C6    . U   C 1 10 ? -17.781 5.525   -25.396 1.00 115.71 ? 10 U   C C6    1 
ATOM   717 P  P     . C   C 1 11 ? -22.814 5.311   -28.082 1.00 118.84 ? 11 C   C P     1 
ATOM   718 O  OP1   . C   C 1 11 ? -23.831 4.634   -28.931 1.00 107.59 ? 11 C   C OP1   1 
ATOM   719 O  OP2   . C   C 1 11 ? -21.541 5.755   -28.723 1.00 114.40 ? 11 C   C OP2   1 
ATOM   720 O  "O5'" . C   C 1 11 ? -23.539 6.536   -27.340 1.00 108.92 ? 11 C   C "O5'" 1 
ATOM   721 C  "C5'" . C   C 1 11 ? -24.639 6.317   -26.457 1.00 98.94  ? 11 C   C "C5'" 1 
ATOM   722 C  "C4'" . C   C 1 11 ? -24.925 7.509   -25.573 1.00 85.64  ? 11 C   C "C4'" 1 
ATOM   723 O  "O4'" . C   C 1 11 ? -23.797 7.765   -24.701 1.00 98.62  ? 11 C   C "O4'" 1 
ATOM   724 C  "C3'" . C   C 1 11 ? -25.163 8.827   -26.290 1.00 84.99  ? 11 C   C "C3'" 1 
ATOM   725 O  "O3'" . C   C 1 11 ? -26.514 8.966   -26.691 1.00 99.41  ? 11 C   C "O3'" 1 
ATOM   726 C  "C2'" . C   C 1 11 ? -24.751 9.872   -25.262 1.00 84.65  ? 11 C   C "C2'" 1 
ATOM   727 O  "O2'" . C   C 1 11 ? -25.820 10.156  -24.375 1.00 79.07  ? 11 C   C "O2'" 1 
ATOM   728 C  "C1'" . C   C 1 11 ? -23.647 9.152   -24.488 1.00 96.87  ? 11 C   C "C1'" 1 
ATOM   729 N  N1    . C   C 1 11 ? -22.285 9.562   -24.912 1.00 96.81  ? 11 C   C N1    1 
ATOM   730 C  C2    . C   C 1 11 ? -21.810 10.852  -24.645 1.00 89.89  ? 11 C   C C2    1 
ATOM   731 O  O2    . C   C 1 11 ? -22.552 11.662  -24.065 1.00 88.02  ? 11 C   C O2    1 
ATOM   732 N  N3    . C   C 1 11 ? -20.555 11.196  -25.040 1.00 87.02  ? 11 C   C N3    1 
ATOM   733 C  C4    . C   C 1 11 ? -19.779 10.298  -25.661 1.00 95.51  ? 11 C   C C4    1 
ATOM   734 N  N4    . C   C 1 11 ? -18.550 10.651  -26.045 1.00 92.91  ? 11 C   C N4    1 
ATOM   735 C  C5    . C   C 1 11 ? -20.230 8.979   -25.934 1.00 101.15 ? 11 C   C C5    1 
ATOM   736 C  C6    . C   C 1 11 ? -21.469 8.662   -25.541 1.00 102.08 ? 11 C   C C6    1 
ATOM   737 P  P     . C   C 1 12 ? -26.923 9.925   -27.919 1.00 93.38  ? 12 C   C P     1 
ATOM   738 O  OP1   . C   C 1 12 ? -28.412 9.983   -27.977 1.00 90.53  ? 12 C   C OP1   1 
ATOM   739 O  OP2   . C   C 1 12 ? -26.163 9.428   -29.102 1.00 91.71  ? 12 C   C OP2   1 
ATOM   740 O  "O5'" . C   C 1 12 ? -26.446 11.386  -27.470 1.00 86.75  ? 12 C   C "O5'" 1 
ATOM   741 C  "C5'" . C   C 1 12 ? -27.371 12.305  -26.894 1.00 84.41  ? 12 C   C "C5'" 1 
ATOM   742 C  "C4'" . C   C 1 12 ? -26.731 13.570  -26.344 1.00 80.79  ? 12 C   C "C4'" 1 
ATOM   743 O  "O4'" . C   C 1 12 ? -25.498 13.270  -25.630 1.00 78.38  ? 12 C   C "O4'" 1 
ATOM   744 C  "C3'" . C   C 1 12 ? -26.322 14.638  -27.357 1.00 82.35  ? 12 C   C "C3'" 1 
ATOM   745 O  "O3'" . C   C 1 12 ? -27.405 15.427  -27.825 1.00 83.53  ? 12 C   C "O3'" 1 
ATOM   746 C  "C2'" . C   C 1 12 ? -25.280 15.440  -26.590 1.00 76.50  ? 12 C   C "C2'" 1 
ATOM   747 O  "O2'" . C   C 1 12 ? -25.900 16.330  -25.673 1.00 67.45  ? 12 C   C "O2'" 1 
ATOM   748 C  "C1'" . C   C 1 12 ? -24.571 14.332  -25.801 1.00 81.70  ? 12 C   C "C1'" 1 
ATOM   749 N  N1    . C   C 1 12 ? -23.356 13.817  -26.502 1.00 91.24  ? 12 C   C N1    1 
ATOM   750 C  C2    . C   C 1 12 ? -22.215 14.651  -26.677 1.00 88.40  ? 12 C   C C2    1 
ATOM   751 O  O2    . C   C 1 12 ? -22.200 15.838  -26.247 1.00 75.20  ? 12 C   C O2    1 
ATOM   752 N  N3    . C   C 1 12 ? -21.129 14.126  -27.327 1.00 88.82  ? 12 C   C N3    1 
ATOM   753 C  C4    . C   C 1 12 ? -21.124 12.864  -27.786 1.00 88.17  ? 12 C   C C4    1 
ATOM   754 N  N4    . C   C 1 12 ? -20.020 12.432  -28.405 1.00 88.95  ? 12 C   C N4    1 
ATOM   755 C  C5    . C   C 1 12 ? -22.252 12.004  -27.626 1.00 83.56  ? 12 C   C C5    1 
ATOM   756 C  C6    . C   C 1 12 ? -23.317 12.519  -26.985 1.00 84.62  ? 12 C   C C6    1 
# 
